data_2IZO
#
_entry.id   2IZO
#
_cell.length_a   93.986
_cell.length_b   99.774
_cell.length_c   99.958
_cell.angle_alpha   90.00
_cell.angle_beta   90.00
_cell.angle_gamma   90.00
#
_symmetry.space_group_name_H-M   'P 21 21 21'
#
loop_
_entity.id
_entity.type
_entity.pdbx_description
1 polymer 'FLAP STRUCTURE-SPECIFIC ENDONUCLEASE'
2 polymer 'DNA POLYMERASE SLIDING CLAMP C'
3 polymer 'DNA POLYMERASE SLIDING CLAMP B'
4 non-polymer 'ZINC ION'
5 non-polymer 'MAGNESIUM ION'
6 water water
#
loop_
_entity_poly.entity_id
_entity_poly.type
_entity_poly.pdbx_seq_one_letter_code
_entity_poly.pdbx_strand_id
1 'polypeptide(L)'
;MDLVKDVKRELSFSELKGKRVSIDGYNALYQFLAAIRQPDGTPLMDSQGRVTSHLSGLFYRTINILEEGVIPIYVFDGKP
PEQKSEELERRRKAKEEAERKLERAKSEGKIEELRKYSQAILRLSNIMVEESKKLLRAMGIPIVQAPSEGEAEAAYLNKL
GLSWAAASQDYDAILFGAKRLVRNLTITGKRKLPNKDVYVEIKPELIETEILLKKLGITREQLIDIGILIGTDYNPDGIR
GIGPERALKIIKKYGKIEKAMEYGEISKKDINFNIDEIRGLFLNPQVVKPEEALDLNEPNGEDIINILVYEHNFSEERVK
NGIERLTKAIKEAKGASRQTGLDRWF
;
A
2 'polypeptide(L)'
;MMKAKVIDAVSFSYILRTVGDFLSEANFIVTKEGIRVSGIDPSRVVFLDIFLPSSYFEGFEVSQEKEIIGFKLEDVNDIL
KRVLKDDTLILSSNESKLTLTFDGEFTRSFELPLIQVESTSPPSVNLEFPFKAQLLTITFADIIDELSDLGEVLNIHSKE
NKLYFEVIGDLSTAKVELSTDNGTLLEASGADVSSSYGMEYVANTTKMRRASDSMELYFGSQIPLKLRFKLPQEGYGDFY
IAPRAD
;
B
3 'polypeptide(L)'
;MFKIVYPNAKDFFSFINSITNVTDSIILNFTEDGIFSRHLTEDKVLMAIMRIPKDVLSEYSIDSPTSVKLDVSSVKKILS
KASSKKATIELTETDSGLKIIIRDEKSGAKSTIYIKAEKGQVEQLTEPKVNLAVNFTTDESVLNVIAADVTLVGEEMRIS
TEEDKIKIEAGEEGKRYVAFLMKDKPLKELSIDTSASSSYSAEMFKDAVKGLRGFSAPTMVSFGENLPMKIDVEAVSGGH
MIFWIAPRL
;
C
#
loop_
_chem_comp.id
_chem_comp.type
_chem_comp.name
_chem_comp.formula
MG non-polymer 'MAGNESIUM ION' 'Mg 2'
ZN non-polymer 'ZINC ION' 'Zn 2'
#
# COMPACT_ATOMS: atom_id res chain seq x y z
N MET A 1 14.53 -1.38 40.30
CA MET A 1 15.00 -0.40 39.28
C MET A 1 16.51 -0.40 39.11
N ASP A 2 16.95 -0.10 37.88
CA ASP A 2 18.37 0.03 37.53
C ASP A 2 18.65 1.38 36.87
N LEU A 3 17.73 1.83 36.01
CA LEU A 3 17.66 3.23 35.57
C LEU A 3 16.21 3.76 35.55
N VAL A 4 15.88 4.56 36.55
CA VAL A 4 14.66 5.37 36.57
C VAL A 4 15.09 6.80 36.85
N LYS A 5 16.15 7.18 36.14
CA LYS A 5 16.61 8.54 36.08
C LYS A 5 16.25 8.97 34.67
N ASP A 6 15.02 8.67 34.27
CA ASP A 6 14.52 8.97 32.93
C ASP A 6 13.17 9.67 32.89
N VAL A 7 13.18 10.82 32.20
CA VAL A 7 11.99 11.31 31.52
C VAL A 7 12.27 11.14 30.02
N LYS A 8 11.45 10.27 29.43
CA LYS A 8 11.62 9.80 28.06
C LYS A 8 10.27 9.80 27.39
N ARG A 9 10.26 10.04 26.08
CA ARG A 9 9.02 10.10 25.32
C ARG A 9 8.79 8.86 24.48
N GLU A 10 7.53 8.52 24.27
CA GLU A 10 7.18 7.43 23.37
C GLU A 10 7.29 7.92 21.94
N LEU A 11 7.45 6.99 21.00
CA LEU A 11 7.51 7.35 19.60
C LEU A 11 6.61 6.45 18.77
N SER A 12 5.89 7.05 17.85
CA SER A 12 5.06 6.33 16.91
C SER A 12 5.96 5.63 15.90
N PHE A 13 5.46 4.55 15.33
CA PHE A 13 6.18 3.83 14.29
C PHE A 13 6.40 4.70 13.05
N SER A 14 5.59 5.76 12.94
CA SER A 14 5.77 6.76 11.89
C SER A 14 7.18 7.35 11.89
N GLU A 15 7.64 7.81 13.05
CA GLU A 15 8.98 8.40 13.18
C GLU A 15 10.07 7.35 13.05
N LEU A 16 9.72 6.09 13.31
CA LEU A 16 10.68 5.00 13.29
C LEU A 16 10.79 4.34 11.91
N LYS A 17 9.86 4.67 11.02
CA LYS A 17 9.82 4.14 9.65
C LYS A 17 11.06 4.52 8.85
N GLY A 18 11.67 3.52 8.21
CA GLY A 18 12.87 3.70 7.40
C GLY A 18 14.15 3.82 8.22
N LYS A 19 14.19 3.15 9.36
CA LYS A 19 15.31 3.26 10.29
C LYS A 19 15.93 1.93 10.67
N ARG A 20 17.26 1.86 10.54
CA ARG A 20 18.03 0.70 10.97
C ARG A 20 18.15 0.71 12.49
N VAL A 21 17.88 -0.44 13.10
CA VAL A 21 17.89 -0.55 14.55
C VAL A 21 18.79 -1.69 15.01
N SER A 22 19.71 -1.37 15.93
CA SER A 22 20.63 -2.35 16.52
C SER A 22 19.99 -3.10 17.70
N ILE A 23 19.23 -4.14 17.38
CA ILE A 23 18.58 -4.96 18.39
C ILE A 23 19.60 -5.91 19.02
N ASP A 24 19.59 -6.00 20.34
CA ASP A 24 20.40 -6.99 21.03
C ASP A 24 19.79 -8.37 20.83
N GLY A 25 20.60 -9.30 20.34
CA GLY A 25 20.15 -10.66 20.10
C GLY A 25 19.69 -11.34 21.36
N TYR A 26 20.61 -11.44 22.33
CA TYR A 26 20.36 -12.14 23.59
C TYR A 26 19.14 -11.59 24.33
N ASN A 27 19.07 -10.26 24.49
CA ASN A 27 17.94 -9.61 25.15
C ASN A 27 16.62 -9.94 24.45
N ALA A 28 16.60 -9.83 23.11
CA ALA A 28 15.43 -10.15 22.31
C ALA A 28 14.93 -11.56 22.56
N LEU A 29 15.87 -12.52 22.56
CA LEU A 29 15.56 -13.93 22.69
C LEU A 29 14.90 -14.27 24.03
N TYR A 30 15.52 -13.82 25.12
CA TYR A 30 14.94 -13.98 26.46
C TYR A 30 13.53 -13.43 26.49
N GLN A 31 13.33 -12.23 25.93
CA GLN A 31 12.01 -11.61 25.87
C GLN A 31 10.99 -12.54 25.20
N PHE A 32 11.40 -13.14 24.09
CA PHE A 32 10.55 -14.07 23.35
C PHE A 32 10.38 -15.39 24.09
N LEU A 33 11.37 -15.76 24.89
CA LEU A 33 11.30 -16.96 25.71
C LEU A 33 10.41 -16.76 26.94
N ALA A 34 10.32 -15.51 27.39
CA ALA A 34 9.56 -15.18 28.59
C ALA A 34 8.14 -14.68 28.29
N ALA A 35 7.86 -14.37 27.03
CA ALA A 35 6.58 -13.77 26.66
C ALA A 35 5.53 -14.77 26.15
N ILE A 36 5.60 -15.08 24.86
CA ILE A 36 4.54 -15.83 24.17
C ILE A 36 4.54 -17.31 24.52
N ARG A 37 3.39 -17.78 25.02
CA ARG A 37 3.19 -19.17 25.42
C ARG A 37 1.78 -19.59 25.01
N GLN A 38 1.68 -20.47 24.02
CA GLN A 38 0.38 -20.87 23.44
C GLN A 38 -0.49 -21.78 24.35
N PRO A 39 0.06 -22.90 24.87
CA PRO A 39 -0.76 -23.71 25.77
C PRO A 39 -0.50 -23.37 27.24
N PRO A 43 6.16 -22.88 28.12
CA PRO A 43 7.02 -22.70 26.96
C PRO A 43 6.47 -23.44 25.75
N LEU A 44 6.53 -22.81 24.57
CA LEU A 44 6.00 -23.40 23.34
C LEU A 44 6.90 -24.55 22.86
N MET A 45 6.31 -25.74 22.80
CA MET A 45 7.04 -26.98 22.49
C MET A 45 6.78 -27.48 21.08
N ASP A 46 7.47 -28.56 20.70
CA ASP A 46 7.28 -29.19 19.39
C ASP A 46 7.09 -30.71 19.52
N SER A 47 7.23 -31.42 18.40
CA SER A 47 7.07 -32.87 18.36
C SER A 47 8.15 -33.64 19.11
N GLN A 48 9.40 -33.21 18.96
CA GLN A 48 10.54 -33.89 19.60
C GLN A 48 10.64 -33.56 21.10
N GLY A 49 9.94 -32.52 21.52
CA GLY A 49 9.90 -32.16 22.94
C GLY A 49 10.95 -31.15 23.33
N ARG A 50 11.06 -30.08 22.55
CA ARG A 50 11.98 -28.98 22.83
C ARG A 50 11.28 -27.63 22.64
N VAL A 51 11.86 -26.59 23.24
CA VAL A 51 11.31 -25.24 23.15
C VAL A 51 11.49 -24.68 21.74
N THR A 52 10.39 -24.24 21.15
CA THR A 52 10.40 -23.58 19.84
C THR A 52 9.95 -22.12 19.93
N SER A 53 9.78 -21.64 21.16
CA SER A 53 9.27 -20.30 21.44
C SER A 53 10.19 -19.18 20.94
N HIS A 54 11.49 -19.43 20.92
CA HIS A 54 12.46 -18.46 20.40
C HIS A 54 12.24 -18.19 18.91
N LEU A 55 11.88 -19.23 18.16
CA LEU A 55 11.67 -19.12 16.71
C LEU A 55 10.38 -18.36 16.39
N SER A 56 9.33 -18.62 17.17
CA SER A 56 8.05 -17.94 17.01
C SER A 56 8.20 -16.42 17.11
N GLY A 57 9.06 -15.97 18.03
CA GLY A 57 9.37 -14.55 18.17
C GLY A 57 10.13 -14.00 16.98
N LEU A 58 11.26 -14.63 16.67
CA LEU A 58 12.11 -14.24 15.54
C LEU A 58 11.37 -14.19 14.21
N PHE A 59 10.34 -15.04 14.07
CA PHE A 59 9.56 -15.10 12.84
C PHE A 59 8.43 -14.07 12.87
N TYR A 60 7.49 -14.23 13.81
CA TYR A 60 6.28 -13.40 13.88
C TYR A 60 6.52 -11.93 14.20
N ARG A 61 7.39 -11.66 15.17
CA ARG A 61 7.64 -10.28 15.61
C ARG A 61 8.55 -9.49 14.67
N THR A 62 9.48 -10.17 14.01
CA THR A 62 10.40 -9.51 13.06
C THR A 62 9.66 -9.04 11.80
N ILE A 63 8.70 -9.84 11.33
CA ILE A 63 7.83 -9.42 10.23
C ILE A 63 7.03 -8.20 10.68
N ASN A 64 6.45 -8.27 11.88
CA ASN A 64 5.72 -7.15 12.47
C ASN A 64 6.56 -5.87 12.48
N ILE A 65 7.85 -6.03 12.80
CA ILE A 65 8.83 -4.94 12.80
C ILE A 65 9.08 -4.39 11.38
N LEU A 66 9.34 -5.29 10.43
CA LEU A 66 9.63 -4.93 9.05
C LEU A 66 8.43 -4.33 8.32
N GLU A 67 7.23 -4.80 8.66
CA GLU A 67 6.00 -4.28 8.06
C GLU A 67 5.74 -2.85 8.48
N GLU A 68 6.36 -2.45 9.59
CA GLU A 68 6.23 -1.10 10.10
C GLU A 68 7.30 -0.14 9.53
N GLY A 69 8.35 -0.72 8.94
CA GLY A 69 9.40 0.05 8.26
C GLY A 69 10.77 0.04 8.93
N VAL A 70 10.85 -0.64 10.07
CA VAL A 70 12.11 -0.75 10.81
C VAL A 70 12.98 -1.83 10.21
N ILE A 71 14.20 -1.47 9.82
CA ILE A 71 15.17 -2.49 9.40
C ILE A 71 15.90 -3.00 10.64
N PRO A 72 15.70 -4.29 10.96
CA PRO A 72 16.23 -4.87 12.18
C PRO A 72 17.62 -5.48 11.99
N ILE A 73 18.52 -5.15 12.92
CA ILE A 73 19.83 -5.80 12.96
C ILE A 73 19.97 -6.47 14.33
N TYR A 74 20.05 -7.79 14.32
CA TYR A 74 20.25 -8.55 15.54
C TYR A 74 21.74 -8.71 15.80
N VAL A 75 22.16 -8.41 17.04
CA VAL A 75 23.56 -8.50 17.41
C VAL A 75 23.78 -9.55 18.50
N PHE A 76 24.58 -10.56 18.18
CA PHE A 76 24.91 -11.64 19.11
C PHE A 76 26.35 -11.49 19.60
N ASP A 77 26.64 -12.02 20.79
CA ASP A 77 27.99 -11.92 21.36
C ASP A 77 28.67 -13.25 21.72
N GLY A 78 28.07 -14.02 22.63
CA GLY A 78 28.64 -15.29 23.08
C GLY A 78 29.44 -15.17 24.36
N SER A 125 20.92 -22.33 25.95
CA SER A 125 21.78 -23.18 25.14
C SER A 125 22.38 -22.40 23.97
N ASN A 126 23.63 -22.71 23.65
CA ASN A 126 24.33 -22.05 22.55
C ASN A 126 23.80 -22.48 21.19
N ILE A 127 23.17 -23.65 21.15
CA ILE A 127 22.54 -24.19 19.95
C ILE A 127 21.26 -23.44 19.61
N MET A 128 20.51 -23.04 20.65
CA MET A 128 19.33 -22.20 20.50
C MET A 128 19.68 -20.86 19.86
N VAL A 129 20.83 -20.31 20.26
CA VAL A 129 21.36 -19.08 19.69
C VAL A 129 21.75 -19.30 18.23
N GLU A 130 22.45 -20.41 17.97
CA GLU A 130 22.91 -20.75 16.63
C GLU A 130 21.75 -21.01 15.66
N GLU A 131 20.72 -21.72 16.13
CA GLU A 131 19.55 -22.01 15.29
C GLU A 131 18.61 -20.79 15.22
N SER A 132 18.90 -19.77 16.02
CA SER A 132 18.27 -18.47 15.87
C SER A 132 18.96 -17.69 14.76
N LYS A 133 20.29 -17.80 14.69
CA LYS A 133 21.09 -17.17 13.65
C LYS A 133 20.79 -17.76 12.27
N LYS A 134 20.81 -19.09 12.19
CA LYS A 134 20.54 -19.81 10.95
C LYS A 134 19.18 -19.42 10.34
N LEU A 135 18.23 -19.08 11.21
CA LEU A 135 16.93 -18.60 10.78
C LEU A 135 17.04 -17.19 10.20
N LEU A 136 17.76 -16.33 10.91
CA LEU A 136 17.94 -14.93 10.48
C LEU A 136 18.75 -14.80 9.18
N ARG A 137 19.70 -15.72 8.97
CA ARG A 137 20.42 -15.81 7.69
C ARG A 137 19.47 -16.22 6.58
N ALA A 138 18.60 -17.18 6.89
CA ALA A 138 17.62 -17.72 5.94
C ALA A 138 16.48 -16.75 5.66
N MET A 139 16.22 -15.85 6.61
CA MET A 139 15.24 -14.79 6.43
C MET A 139 15.85 -13.62 5.65
N GLY A 140 17.18 -13.54 5.68
CA GLY A 140 17.92 -12.48 4.98
C GLY A 140 18.27 -11.30 5.87
N ILE A 141 17.68 -11.26 7.06
CA ILE A 141 17.85 -10.16 8.01
C ILE A 141 19.27 -10.11 8.59
N PRO A 142 19.95 -8.95 8.45
CA PRO A 142 21.37 -8.74 8.82
C PRO A 142 21.75 -9.23 10.21
N ILE A 143 22.96 -9.78 10.30
CA ILE A 143 23.47 -10.44 11.51
C ILE A 143 24.90 -9.93 11.81
N VAL A 144 25.13 -9.52 13.06
CA VAL A 144 26.43 -9.01 13.46
C VAL A 144 26.95 -9.72 14.71
N GLN A 145 28.14 -10.31 14.59
CA GLN A 145 28.77 -11.05 15.69
C GLN A 145 29.74 -10.18 16.50
N ALA A 146 29.35 -9.85 17.73
CA ALA A 146 30.15 -9.01 18.61
C ALA A 146 31.34 -9.75 19.22
N PRO A 147 32.48 -9.05 19.40
CA PRO A 147 33.67 -9.63 20.02
C PRO A 147 33.53 -9.98 21.51
N SER A 148 32.61 -9.32 22.22
CA SER A 148 32.40 -9.61 23.64
C SER A 148 30.99 -9.30 24.15
N GLU A 149 30.58 -8.04 24.05
CA GLU A 149 29.27 -7.59 24.53
C GLU A 149 28.39 -7.13 23.37
N GLY A 150 27.24 -7.77 23.22
CA GLY A 150 26.34 -7.52 22.10
C GLY A 150 25.78 -6.10 22.08
N GLU A 151 25.38 -5.62 23.25
CA GLU A 151 24.80 -4.29 23.40
C GLU A 151 25.87 -3.21 23.28
N ALA A 152 27.12 -3.56 23.55
CA ALA A 152 28.25 -2.67 23.31
C ALA A 152 28.48 -2.52 21.81
N GLU A 153 28.29 -3.61 21.07
CA GLU A 153 28.35 -3.60 19.61
C GLU A 153 27.15 -2.85 19.05
N ALA A 154 25.97 -3.10 19.63
CA ALA A 154 24.74 -2.41 19.25
C ALA A 154 24.88 -0.90 19.45
N ALA A 155 25.59 -0.51 20.51
CA ALA A 155 25.88 0.89 20.77
C ALA A 155 26.86 1.44 19.74
N TYR A 156 27.86 0.63 19.39
CA TYR A 156 28.91 1.04 18.45
C TYR A 156 28.38 1.20 17.02
N LEU A 157 27.40 0.37 16.64
CA LEU A 157 26.78 0.47 15.32
C LEU A 157 25.99 1.78 15.20
N ASN A 158 25.33 2.16 16.29
CA ASN A 158 24.62 3.42 16.39
C ASN A 158 25.59 4.59 16.38
N LYS A 159 26.71 4.41 17.07
CA LYS A 159 27.76 5.41 17.18
C LYS A 159 28.47 5.65 15.83
N LEU A 160 28.58 4.61 15.03
CA LEU A 160 29.13 4.71 13.68
C LEU A 160 28.13 5.30 12.67
N GLY A 161 26.87 5.40 13.09
CA GLY A 161 25.81 5.90 12.22
C GLY A 161 25.24 4.82 11.33
N LEU A 162 25.57 3.57 11.62
CA LEU A 162 25.06 2.43 10.85
C LEU A 162 23.68 2.00 11.36
N SER A 163 23.41 2.24 12.63
CA SER A 163 22.05 2.13 13.16
C SER A 163 21.59 3.47 13.70
N TRP A 164 20.29 3.68 13.66
CA TRP A 164 19.65 4.87 14.21
C TRP A 164 19.66 4.83 15.73
N ALA A 165 19.41 3.65 16.29
CA ALA A 165 19.37 3.44 17.72
C ALA A 165 19.61 1.98 18.06
N ALA A 166 20.05 1.73 19.28
CA ALA A 166 20.12 0.37 19.81
C ALA A 166 18.77 0.03 20.45
N ALA A 167 18.32 -1.21 20.26
CA ALA A 167 17.06 -1.65 20.83
C ALA A 167 17.27 -2.79 21.81
N SER A 168 16.74 -2.59 23.01
CA SER A 168 16.81 -3.54 24.11
C SER A 168 15.83 -3.10 25.18
N GLN A 169 15.48 -4.00 26.08
CA GLN A 169 14.65 -3.63 27.23
C GLN A 169 15.53 -3.07 28.34
N ASP A 170 16.82 -3.39 28.28
CA ASP A 170 17.79 -2.90 29.25
C ASP A 170 18.38 -1.56 28.80
N TYR A 171 19.05 -0.87 29.71
CA TYR A 171 19.59 0.47 29.44
C TYR A 171 21.09 0.50 29.20
N ASP A 172 21.74 -0.67 29.25
CA ASP A 172 23.20 -0.78 29.14
C ASP A 172 23.80 -0.09 27.91
N ALA A 173 23.07 -0.14 26.79
CA ALA A 173 23.48 0.47 25.52
C ALA A 173 23.88 1.94 25.69
N ILE A 174 23.16 2.65 26.56
CA ILE A 174 23.49 4.04 26.85
C ILE A 174 24.91 4.18 27.39
N LEU A 175 25.29 3.29 28.31
CA LEU A 175 26.61 3.34 28.96
C LEU A 175 27.76 2.90 28.04
N PHE A 176 27.41 2.40 26.86
CA PHE A 176 28.41 1.99 25.87
C PHE A 176 28.55 2.98 24.71
N GLY A 177 27.82 4.09 24.80
CA GLY A 177 27.94 5.14 23.79
C GLY A 177 26.86 5.14 22.72
N ALA A 178 25.72 4.54 23.01
CA ALA A 178 24.58 4.61 22.11
C ALA A 178 24.06 6.05 22.10
N LYS A 179 23.79 6.57 20.91
CA LYS A 179 23.20 7.89 20.76
C LYS A 179 21.75 7.86 21.22
N ARG A 180 21.04 6.81 20.82
CA ARG A 180 19.63 6.62 21.16
C ARG A 180 19.35 5.20 21.63
N LEU A 181 18.34 5.05 22.48
CA LEU A 181 17.87 3.73 22.92
C LEU A 181 16.35 3.59 22.75
N VAL A 182 15.94 2.64 21.91
CA VAL A 182 14.52 2.36 21.72
C VAL A 182 14.12 1.09 22.46
N ARG A 183 13.09 1.20 23.29
CA ARG A 183 12.56 0.09 24.07
C ARG A 183 11.18 -0.35 23.57
N ASN A 184 10.84 -1.61 23.82
CA ASN A 184 9.50 -2.18 23.57
C ASN A 184 9.21 -2.61 22.12
N LEU A 185 10.25 -2.69 21.27
CA LEU A 185 10.07 -3.28 19.95
C LEU A 185 9.83 -4.79 20.08
N THR A 186 10.62 -5.42 20.94
CA THR A 186 10.56 -6.87 21.17
C THR A 186 9.27 -7.29 21.89
N ILE A 187 8.86 -6.50 22.89
CA ILE A 187 7.62 -6.78 23.63
C ILE A 187 6.49 -5.84 23.21
N TYR A 199 -6.55 0.45 27.48
CA TYR A 199 -5.70 1.40 28.21
C TYR A 199 -4.21 1.17 27.94
N VAL A 200 -3.60 0.28 28.73
CA VAL A 200 -2.15 0.02 28.68
C VAL A 200 -1.73 -0.73 27.41
N GLU A 201 -1.66 -0.01 26.31
CA GLU A 201 -1.16 -0.52 25.05
C GLU A 201 0.35 -0.24 25.01
N ILE A 202 1.15 -1.26 24.76
CA ILE A 202 2.61 -1.11 24.79
C ILE A 202 3.16 -0.56 23.47
N LYS A 203 3.60 0.70 23.54
CA LYS A 203 4.13 1.43 22.40
C LYS A 203 5.65 1.56 22.50
N PRO A 204 6.34 1.79 21.36
CA PRO A 204 7.79 1.99 21.41
C PRO A 204 8.17 3.20 22.28
N GLU A 205 9.35 3.14 22.88
CA GLU A 205 9.81 4.15 23.82
C GLU A 205 11.21 4.58 23.46
N LEU A 206 11.43 5.89 23.39
CA LEU A 206 12.73 6.43 23.00
C LEU A 206 13.42 7.19 24.12
N ILE A 207 14.70 6.88 24.30
CA ILE A 207 15.57 7.58 25.23
C ILE A 207 16.73 8.13 24.41
N GLU A 208 16.87 9.45 24.38
CA GLU A 208 18.01 10.07 23.71
C GLU A 208 19.10 10.42 24.73
N THR A 209 20.30 9.90 24.50
CA THR A 209 21.41 10.10 25.42
C THR A 209 21.75 11.59 25.56
N GLU A 210 21.84 12.28 24.42
CA GLU A 210 22.10 13.73 24.39
C GLU A 210 21.12 14.53 25.26
N ILE A 211 19.84 14.14 25.25
CA ILE A 211 18.81 14.78 26.06
C ILE A 211 18.90 14.35 27.53
N LEU A 212 19.18 13.06 27.74
CA LEU A 212 19.35 12.50 29.08
C LEU A 212 20.47 13.19 29.85
N LEU A 213 21.63 13.28 29.21
CA LEU A 213 22.82 13.86 29.85
C LEU A 213 22.63 15.33 30.18
N LYS A 214 21.91 16.04 29.31
CA LYS A 214 21.63 17.46 29.54
C LYS A 214 20.69 17.65 30.73
N LYS A 215 19.63 16.85 30.80
CA LYS A 215 18.64 17.01 31.87
C LYS A 215 19.17 16.61 33.24
N LEU A 216 20.00 15.56 33.29
CA LEU A 216 20.64 15.18 34.55
C LEU A 216 21.88 16.04 34.83
N GLY A 217 22.33 16.78 33.82
CA GLY A 217 23.45 17.71 33.95
C GLY A 217 24.78 17.03 34.19
N ILE A 218 25.00 15.90 33.50
CA ILE A 218 26.22 15.10 33.66
C ILE A 218 26.89 14.81 32.32
N THR A 219 28.03 14.12 32.38
CA THR A 219 28.75 13.68 31.19
C THR A 219 28.61 12.17 31.05
N ARG A 220 29.10 11.61 29.94
CA ARG A 220 29.07 10.16 29.74
C ARG A 220 29.92 9.43 30.77
N GLU A 221 31.12 9.96 31.04
CA GLU A 221 32.00 9.42 32.08
C GLU A 221 31.28 9.32 33.43
N GLN A 222 30.49 10.34 33.74
CA GLN A 222 29.76 10.42 35.01
C GLN A 222 28.64 9.40 35.11
N LEU A 223 27.89 9.20 34.02
CA LEU A 223 26.82 8.21 33.99
C LEU A 223 27.37 6.80 34.17
N ILE A 224 28.55 6.54 33.60
CA ILE A 224 29.24 5.27 33.81
C ILE A 224 29.50 5.07 35.30
N ASP A 225 30.01 6.11 35.97
CA ASP A 225 30.29 6.04 37.40
C ASP A 225 29.03 5.84 38.23
N ILE A 226 27.93 6.45 37.79
CA ILE A 226 26.63 6.25 38.41
C ILE A 226 26.20 4.80 38.22
N GLY A 227 26.41 4.29 37.00
CA GLY A 227 26.17 2.89 36.69
C GLY A 227 26.95 1.96 37.60
N ILE A 228 28.19 2.32 37.92
CA ILE A 228 29.03 1.56 38.84
C ILE A 228 28.44 1.56 40.26
N LEU A 229 27.93 2.72 40.68
CA LEU A 229 27.37 2.86 42.02
C LEU A 229 26.04 2.13 42.15
N ILE A 230 25.29 2.08 41.05
CA ILE A 230 24.04 1.32 41.02
C ILE A 230 24.36 -0.17 40.91
N GLY A 231 25.01 -0.55 39.81
CA GLY A 231 25.41 -1.93 39.61
C GLY A 231 25.30 -2.39 38.18
N THR A 232 26.45 -2.71 37.58
CA THR A 232 26.52 -3.31 36.26
C THR A 232 26.77 -4.80 36.41
N ASP A 233 26.96 -5.51 35.29
CA ASP A 233 27.27 -6.94 35.34
C ASP A 233 28.69 -7.20 35.84
N TYR A 234 29.58 -6.22 35.67
CA TYR A 234 30.95 -6.31 36.15
C TYR A 234 31.02 -6.10 37.67
N ASN A 235 30.02 -5.41 38.20
CA ASN A 235 29.84 -5.30 39.65
C ASN A 235 28.36 -5.51 40.03
N PRO A 236 27.88 -6.77 39.95
CA PRO A 236 26.47 -7.04 40.21
C PRO A 236 26.03 -6.55 41.59
N ASP A 237 24.96 -5.77 41.62
CA ASP A 237 24.43 -5.15 42.85
C ASP A 237 25.17 -3.86 43.27
N GLY A 238 26.28 -3.55 42.59
CA GLY A 238 27.05 -2.32 42.88
C GLY A 238 27.39 -2.14 44.35
N ILE A 239 27.42 -0.89 44.79
CA ILE A 239 27.59 -0.59 46.22
C ILE A 239 26.25 -0.66 46.93
N ARG A 240 26.19 -1.50 47.96
CA ARG A 240 24.97 -1.73 48.73
C ARG A 240 24.53 -0.48 49.50
N GLY A 241 23.22 -0.21 49.49
CA GLY A 241 22.66 0.92 50.21
C GLY A 241 22.82 2.25 49.48
N ILE A 242 23.03 2.19 48.17
CA ILE A 242 22.99 3.38 47.32
C ILE A 242 22.17 3.06 46.08
N GLY A 243 21.07 3.79 45.92
CA GLY A 243 20.21 3.62 44.77
C GLY A 243 20.51 4.64 43.68
N PRO A 244 19.85 4.50 42.52
CA PRO A 244 19.97 5.44 41.41
C PRO A 244 20.00 6.90 41.86
N GLU A 245 18.97 7.33 42.60
CA GLU A 245 18.87 8.72 43.05
C GLU A 245 20.07 9.14 43.89
N ARG A 246 20.46 8.31 44.85
CA ARG A 246 21.63 8.60 45.68
C ARG A 246 22.92 8.60 44.85
N ALA A 247 22.99 7.72 43.86
CA ALA A 247 24.13 7.67 42.97
C ALA A 247 24.24 8.97 42.17
N LEU A 248 23.14 9.37 41.54
CA LEU A 248 23.10 10.64 40.78
C LEU A 248 23.60 11.83 41.61
N LYS A 249 23.07 11.98 42.82
CA LYS A 249 23.46 13.05 43.72
C LYS A 249 24.95 13.03 44.02
N ILE A 250 25.48 11.85 44.34
CA ILE A 250 26.89 11.69 44.71
C ILE A 250 27.82 12.18 43.59
N ILE A 251 27.59 11.67 42.39
CA ILE A 251 28.45 11.98 41.25
C ILE A 251 28.23 13.41 40.73
N LYS A 252 27.01 13.92 40.86
CA LYS A 252 26.73 15.31 40.51
C LYS A 252 27.53 16.27 41.39
N LYS A 253 27.93 15.80 42.57
CA LYS A 253 28.74 16.59 43.51
C LYS A 253 30.25 16.31 43.42
N TYR A 254 30.63 15.05 43.22
CA TYR A 254 32.05 14.69 43.07
C TYR A 254 32.36 13.99 41.72
N GLY A 255 33.26 13.01 41.76
CA GLY A 255 33.55 12.16 40.59
C GLY A 255 34.15 10.82 40.98
N LYS A 256 33.58 10.19 42.01
CA LYS A 256 33.92 8.84 42.50
C LYS A 256 35.14 8.68 43.44
N ILE A 257 35.68 9.81 43.91
CA ILE A 257 36.70 9.82 44.97
C ILE A 257 36.90 11.22 45.53
N ILE A 275 37.42 -1.58 40.16
CA ILE A 275 36.43 -0.80 39.42
C ILE A 275 37.08 0.19 38.47
N ASP A 276 38.34 0.54 38.75
CA ASP A 276 39.14 1.41 37.89
C ASP A 276 39.26 0.82 36.48
N GLU A 277 39.10 -0.50 36.40
CA GLU A 277 39.08 -1.20 35.12
C GLU A 277 37.70 -1.18 34.47
N ILE A 278 36.65 -1.25 35.29
CA ILE A 278 35.27 -1.31 34.79
C ILE A 278 34.91 -0.10 33.91
N ARG A 279 35.43 1.06 34.30
CA ARG A 279 35.31 2.28 33.48
C ARG A 279 35.77 2.02 32.06
N GLY A 280 36.93 1.36 31.92
CA GLY A 280 37.51 1.03 30.62
C GLY A 280 36.66 0.06 29.81
N LEU A 281 35.93 -0.81 30.51
CA LEU A 281 35.05 -1.78 29.88
C LEU A 281 33.80 -1.11 29.30
N PHE A 282 33.48 0.08 29.80
CA PHE A 282 32.35 0.86 29.29
C PHE A 282 32.80 1.93 28.31
N LEU A 283 33.83 2.69 28.68
CA LEU A 283 34.33 3.78 27.85
C LEU A 283 34.78 3.28 26.48
N ASN A 284 35.67 2.30 26.49
CA ASN A 284 36.20 1.70 25.28
C ASN A 284 36.29 0.18 25.37
N PRO A 285 35.19 -0.52 25.03
CA PRO A 285 35.14 -1.97 25.03
C PRO A 285 35.51 -2.58 23.67
N GLN A 286 35.56 -3.91 23.62
CA GLN A 286 35.83 -4.62 22.37
C GLN A 286 34.59 -4.62 21.46
N VAL A 287 34.72 -3.91 20.35
CA VAL A 287 33.67 -3.78 19.34
C VAL A 287 34.28 -3.90 17.96
N VAL A 288 33.46 -4.17 16.95
CA VAL A 288 33.95 -4.22 15.57
C VAL A 288 33.23 -3.26 14.63
N LYS A 289 34.01 -2.69 13.71
CA LYS A 289 33.44 -2.17 12.47
C LYS A 289 32.89 -3.40 11.75
N PRO A 290 31.64 -3.32 11.26
CA PRO A 290 30.89 -4.53 10.88
C PRO A 290 31.44 -5.31 9.68
N GLU A 291 31.55 -4.64 8.53
CA GLU A 291 31.93 -5.28 7.25
C GLU A 291 31.02 -6.46 6.88
N ALA A 293 26.69 -6.80 4.27
CA ALA A 293 26.40 -6.21 5.58
C ALA A 293 26.44 -4.67 5.52
N LEU A 294 25.49 -4.00 6.16
CA LEU A 294 24.40 -4.65 6.89
C LEU A 294 23.09 -4.50 6.12
N ASP A 295 22.88 -5.36 5.12
CA ASP A 295 21.80 -5.14 4.17
C ASP A 295 20.80 -6.32 4.08
N LEU A 296 19.55 -5.98 3.81
CA LEU A 296 18.46 -6.97 3.69
C LEU A 296 18.59 -7.82 2.43
N ASN A 297 18.69 -9.14 2.61
CA ASN A 297 18.77 -10.08 1.51
C ASN A 297 17.43 -10.78 1.26
N GLU A 298 17.39 -11.62 0.22
CA GLU A 298 16.19 -12.38 -0.12
C GLU A 298 16.01 -13.60 0.77
N PRO A 299 14.83 -13.71 1.43
CA PRO A 299 14.54 -14.88 2.25
C PRO A 299 14.16 -16.11 1.42
N ASN A 300 14.97 -17.16 1.49
CA ASN A 300 14.65 -18.41 0.81
C ASN A 300 13.98 -19.41 1.76
N GLY A 301 13.00 -20.14 1.25
CA GLY A 301 12.24 -21.09 2.04
C GLY A 301 12.90 -22.44 2.24
N GLU A 302 13.74 -22.84 1.29
CA GLU A 302 14.44 -24.13 1.32
C GLU A 302 15.38 -24.28 2.52
N ASP A 303 15.67 -23.17 3.19
CA ASP A 303 16.45 -23.18 4.43
C ASP A 303 15.61 -22.80 5.65
N ILE A 304 14.53 -22.04 5.42
CA ILE A 304 13.62 -21.61 6.51
C ILE A 304 12.79 -22.79 7.03
N ILE A 305 12.19 -23.54 6.11
CA ILE A 305 11.32 -24.68 6.44
C ILE A 305 12.06 -25.76 7.23
N ASN A 306 13.33 -25.99 6.88
CA ASN A 306 14.15 -27.04 7.50
C ASN A 306 14.33 -26.89 9.01
N ILE A 307 14.42 -25.65 9.47
CA ILE A 307 14.65 -25.36 10.90
C ILE A 307 13.35 -24.98 11.61
N LEU A 308 12.30 -24.69 10.83
CA LEU A 308 10.99 -24.35 11.39
C LEU A 308 9.96 -25.48 11.29
N VAL A 309 9.50 -25.76 10.08
CA VAL A 309 8.38 -26.68 9.85
C VAL A 309 8.71 -28.15 10.13
N TYR A 310 10.00 -28.51 10.07
CA TYR A 310 10.40 -29.89 10.35
C TYR A 310 11.11 -30.08 11.70
N GLU A 311 12.39 -29.72 11.77
CA GLU A 311 13.24 -30.04 12.93
C GLU A 311 12.69 -29.51 14.24
N HIS A 312 12.06 -28.34 14.19
CA HIS A 312 11.43 -27.74 15.35
C HIS A 312 9.91 -27.57 15.16
N ASN A 313 9.38 -28.33 14.20
CA ASN A 313 7.94 -28.62 14.04
C ASN A 313 6.97 -27.43 14.09
N PHE A 314 6.94 -26.65 13.01
CA PHE A 314 6.01 -25.52 12.89
C PHE A 314 4.85 -25.86 11.97
N SER A 315 3.83 -25.00 11.95
CA SER A 315 2.69 -25.18 11.04
C SER A 315 2.91 -24.37 9.78
N GLU A 316 3.05 -25.08 8.65
CA GLU A 316 3.31 -24.45 7.35
C GLU A 316 2.15 -23.58 6.85
N GLU A 317 0.93 -23.95 7.23
CA GLU A 317 -0.28 -23.21 6.85
C GLU A 317 -0.20 -21.73 7.22
N ARG A 318 0.33 -21.45 8.41
CA ARG A 318 0.54 -20.07 8.86
C ARG A 318 1.71 -19.41 8.14
N VAL A 319 2.78 -20.18 7.92
CA VAL A 319 4.00 -19.69 7.30
C VAL A 319 3.75 -19.26 5.84
N LYS A 320 2.97 -20.04 5.11
CA LYS A 320 2.63 -19.73 3.71
C LYS A 320 2.11 -18.30 3.53
N ASN A 321 1.25 -17.87 4.45
CA ASN A 321 0.69 -16.52 4.44
C ASN A 321 1.57 -15.54 5.20
N GLY A 322 2.54 -16.07 5.94
CA GLY A 322 3.46 -15.26 6.75
C GLY A 322 4.80 -15.00 6.10
N ILE A 323 5.39 -16.05 5.52
CA ILE A 323 6.64 -15.92 4.74
C ILE A 323 6.38 -15.07 3.50
N GLU A 324 5.13 -15.09 3.03
CA GLU A 324 4.73 -14.31 1.87
C GLU A 324 4.73 -12.82 2.19
N ARG A 325 4.24 -12.45 3.38
CA ARG A 325 4.25 -11.06 3.80
C ARG A 325 5.62 -10.59 4.30
N LEU A 326 6.52 -11.54 4.58
CA LEU A 326 7.90 -11.22 4.95
C LEU A 326 8.60 -10.51 3.80
N THR A 327 8.78 -11.22 2.69
CA THR A 327 9.39 -10.66 1.49
C THR A 327 8.62 -9.44 0.97
N LYS A 328 7.29 -9.47 1.13
CA LYS A 328 6.43 -8.34 0.76
C LYS A 328 6.67 -7.11 1.62
N ALA A 329 7.08 -7.32 2.87
CA ALA A 329 7.38 -6.22 3.80
C ALA A 329 8.73 -5.58 3.49
N ILE A 330 9.65 -6.37 2.95
CA ILE A 330 10.98 -5.90 2.57
C ILE A 330 10.91 -4.83 1.47
N LYS A 331 10.03 -5.04 0.50
CA LYS A 331 9.81 -4.09 -0.61
C LYS A 331 9.46 -2.69 -0.11
N GLU A 332 8.60 -2.62 0.91
CA GLU A 332 8.22 -1.35 1.52
C GLU A 332 9.24 -0.84 2.53
N ALA A 333 9.97 -1.77 3.15
CA ALA A 333 10.96 -1.44 4.18
C ALA A 333 12.26 -0.89 3.60
N LYS A 334 12.79 -1.57 2.58
CA LYS A 334 13.96 -1.11 1.85
C LYS A 334 13.66 0.19 1.10
N GLY A 335 12.41 0.33 0.66
CA GLY A 335 11.92 1.58 0.07
C GLY A 335 12.02 2.74 1.04
N ALA A 336 11.47 2.56 2.23
CA ALA A 336 11.48 3.62 3.26
C ALA A 336 12.90 4.04 3.69
N SER A 337 13.84 3.11 3.55
CA SER A 337 15.26 3.37 3.85
C SER A 337 15.84 4.50 3.02
N ARG A 338 15.34 4.64 1.78
CA ARG A 338 15.80 5.65 0.84
C ARG A 338 15.12 7.01 1.06
N GLN A 339 14.08 7.02 1.89
CA GLN A 339 13.23 8.21 2.10
C GLN A 339 13.95 9.34 2.81
N THR A 340 13.88 10.52 2.21
CA THR A 340 14.44 11.73 2.80
C THR A 340 13.38 12.44 3.66
N GLY A 341 13.84 13.27 4.59
CA GLY A 341 12.95 14.10 5.39
C GLY A 341 12.72 15.43 4.72
N LEU A 342 11.48 15.90 4.78
CA LEU A 342 11.10 17.19 4.21
C LEU A 342 11.76 18.34 4.98
N ASP A 343 12.32 18.00 6.14
CA ASP A 343 12.93 18.99 7.04
C ASP A 343 14.42 19.26 6.75
N ARG A 344 14.94 18.74 5.65
CA ARG A 344 16.28 19.10 5.20
C ARG A 344 16.23 20.19 4.13
N TRP A 345 15.08 20.84 4.01
CA TRP A 345 14.93 22.01 3.15
C TRP A 345 14.25 23.17 3.87
N PHE A 346 14.20 23.11 5.20
CA PHE A 346 13.65 24.20 6.01
C PHE A 346 14.69 25.29 6.19
N MET B 1 7.03 -10.79 -32.58
CA MET B 1 6.44 -9.44 -32.33
C MET B 1 4.99 -9.35 -32.81
N MET B 2 4.13 -8.77 -31.96
CA MET B 2 2.71 -8.67 -32.25
C MET B 2 2.17 -7.29 -31.85
N LYS B 3 1.27 -6.74 -32.66
CA LYS B 3 0.58 -5.49 -32.35
C LYS B 3 -0.90 -5.56 -32.72
N ALA B 4 -1.75 -5.22 -31.76
CA ALA B 4 -3.20 -5.23 -31.95
C ALA B 4 -3.84 -4.10 -31.15
N LYS B 5 -4.69 -3.32 -31.84
CA LYS B 5 -5.36 -2.17 -31.24
C LYS B 5 -6.84 -2.48 -31.03
N VAL B 6 -7.31 -2.31 -29.79
CA VAL B 6 -8.70 -2.57 -29.43
C VAL B 6 -9.44 -1.26 -29.13
N ILE B 7 -10.43 -0.94 -29.95
CA ILE B 7 -11.21 0.29 -29.75
C ILE B 7 -12.06 0.22 -28.48
N ASP B 8 -12.91 -0.81 -28.37
CA ASP B 8 -13.76 -0.98 -27.19
C ASP B 8 -13.02 -1.75 -26.10
N ALA B 9 -12.05 -1.08 -25.49
CA ALA B 9 -11.19 -1.66 -24.46
C ALA B 9 -11.93 -2.14 -23.23
N VAL B 10 -12.94 -1.41 -22.80
CA VAL B 10 -13.77 -1.82 -21.66
C VAL B 10 -14.45 -3.17 -21.94
N SER B 11 -15.03 -3.34 -23.13
CA SER B 11 -15.64 -4.60 -23.53
C SER B 11 -14.64 -5.74 -23.50
N PHE B 12 -13.49 -5.53 -24.15
CA PHE B 12 -12.40 -6.50 -24.14
C PHE B 12 -12.04 -6.89 -22.71
N SER B 13 -12.00 -5.90 -21.83
CA SER B 13 -11.72 -6.10 -20.42
C SER B 13 -12.63 -7.16 -19.78
N TYR B 14 -13.92 -7.13 -20.10
CA TYR B 14 -14.86 -8.06 -19.51
C TYR B 14 -14.74 -9.50 -20.03
N ILE B 15 -14.23 -9.67 -21.25
CA ILE B 15 -13.91 -11.01 -21.77
C ILE B 15 -12.85 -11.64 -20.89
N LEU B 16 -11.72 -10.96 -20.75
CA LEU B 16 -10.57 -11.50 -20.01
C LEU B 16 -10.85 -11.61 -18.52
N ARG B 17 -11.74 -10.76 -18.02
CA ARG B 17 -12.16 -10.82 -16.63
C ARG B 17 -12.93 -12.10 -16.33
N THR B 18 -13.67 -12.61 -17.31
CA THR B 18 -14.39 -13.88 -17.20
C THR B 18 -13.39 -15.04 -17.17
N VAL B 19 -12.55 -15.13 -18.20
CA VAL B 19 -11.48 -16.13 -18.24
C VAL B 19 -10.76 -16.24 -16.89
N GLY B 20 -10.55 -15.10 -16.24
CA GLY B 20 -9.90 -15.06 -14.94
C GLY B 20 -10.66 -15.70 -13.80
N ASP B 21 -11.97 -15.85 -13.96
CA ASP B 21 -12.78 -16.59 -13.00
C ASP B 21 -12.55 -18.10 -13.12
N PHE B 22 -11.99 -18.54 -14.25
CA PHE B 22 -11.75 -19.95 -14.52
C PHE B 22 -10.27 -20.31 -14.56
N LEU B 23 -9.45 -19.41 -15.10
CA LEU B 23 -8.03 -19.67 -15.27
C LEU B 23 -7.17 -18.65 -14.55
N SER B 24 -6.05 -19.12 -14.01
CA SER B 24 -5.08 -18.24 -13.36
C SER B 24 -3.95 -17.90 -14.34
N GLU B 25 -3.77 -18.76 -15.33
CA GLU B 25 -2.73 -18.59 -16.36
C GLU B 25 -3.24 -19.05 -17.73
N ALA B 26 -2.89 -18.29 -18.76
CA ALA B 26 -3.27 -18.61 -20.14
C ALA B 26 -2.25 -18.11 -21.15
N ASN B 27 -2.47 -18.45 -22.42
CA ASN B 27 -1.68 -17.94 -23.52
C ASN B 27 -2.52 -17.15 -24.49
N PHE B 28 -2.01 -16.00 -24.93
CA PHE B 28 -2.51 -15.31 -26.11
C PHE B 28 -1.86 -16.01 -27.28
N ILE B 29 -2.65 -16.78 -28.03
CA ILE B 29 -2.12 -17.47 -29.20
C ILE B 29 -2.47 -16.64 -30.43
N VAL B 30 -1.56 -15.75 -30.78
CA VAL B 30 -1.80 -14.82 -31.88
C VAL B 30 -1.28 -15.38 -33.21
N THR B 31 -2.19 -15.43 -34.19
CA THR B 31 -1.92 -15.89 -35.53
C THR B 31 -2.31 -14.82 -36.54
N LYS B 32 -1.96 -15.03 -37.81
CA LYS B 32 -2.38 -14.13 -38.90
C LYS B 32 -3.91 -14.09 -39.01
N GLU B 33 -4.54 -15.19 -38.61
CA GLU B 33 -6.00 -15.30 -38.65
C GLU B 33 -6.70 -14.63 -37.47
N GLY B 34 -5.98 -14.43 -36.36
CA GLY B 34 -6.51 -13.74 -35.17
C GLY B 34 -5.81 -14.09 -33.85
N ILE B 35 -6.47 -13.76 -32.73
CA ILE B 35 -5.94 -14.05 -31.38
C ILE B 35 -6.86 -15.03 -30.65
N ARG B 36 -6.27 -16.15 -30.21
CA ARG B 36 -7.02 -17.19 -29.50
C ARG B 36 -6.53 -17.32 -28.06
N VAL B 37 -7.48 -17.46 -27.13
CA VAL B 37 -7.19 -17.75 -25.74
C VAL B 37 -8.02 -18.93 -25.27
N SER B 38 -7.35 -19.99 -24.82
CA SER B 38 -8.03 -21.21 -24.39
C SER B 38 -7.36 -21.88 -23.20
N GLY B 39 -8.06 -22.85 -22.61
CA GLY B 39 -7.53 -23.61 -21.48
C GLY B 39 -8.59 -24.24 -20.60
N ILE B 40 -8.14 -25.18 -19.77
CA ILE B 40 -9.00 -25.90 -18.83
C ILE B 40 -8.69 -25.45 -17.41
N ASP B 41 -9.73 -25.33 -16.58
CA ASP B 41 -9.54 -24.93 -15.18
C ASP B 41 -8.96 -26.06 -14.32
N PRO B 42 -8.44 -25.74 -13.11
CA PRO B 42 -7.85 -26.76 -12.24
C PRO B 42 -8.78 -27.91 -11.85
N SER B 43 -10.07 -27.63 -11.71
CA SER B 43 -11.04 -28.67 -11.36
C SER B 43 -11.43 -29.55 -12.55
N ARG B 44 -11.02 -29.14 -13.75
CA ARG B 44 -11.23 -29.89 -14.99
C ARG B 44 -12.69 -29.94 -15.48
N VAL B 45 -13.53 -29.09 -14.92
CA VAL B 45 -14.95 -29.06 -15.28
C VAL B 45 -15.20 -28.17 -16.51
N VAL B 46 -14.42 -27.11 -16.64
CA VAL B 46 -14.62 -26.13 -17.70
C VAL B 46 -13.43 -26.04 -18.67
N PHE B 47 -13.72 -26.21 -19.95
CA PHE B 47 -12.80 -25.84 -21.02
C PHE B 47 -13.36 -24.61 -21.71
N LEU B 48 -12.52 -23.59 -21.88
CA LEU B 48 -12.93 -22.39 -22.60
C LEU B 48 -12.10 -22.17 -23.86
N ASP B 49 -12.76 -21.76 -24.93
CA ASP B 49 -12.13 -21.52 -26.21
C ASP B 49 -12.61 -20.17 -26.74
N ILE B 50 -11.79 -19.15 -26.58
CA ILE B 50 -12.18 -17.80 -26.95
C ILE B 50 -11.35 -17.31 -28.14
N PHE B 51 -12.04 -17.01 -29.23
CA PHE B 51 -11.40 -16.55 -30.45
C PHE B 51 -11.83 -15.13 -30.78
N LEU B 52 -10.84 -14.27 -30.98
CA LEU B 52 -11.07 -12.90 -31.41
C LEU B 52 -10.40 -12.71 -32.77
N PRO B 53 -11.21 -12.57 -33.84
CA PRO B 53 -10.67 -12.50 -35.18
C PRO B 53 -9.88 -11.21 -35.41
N SER B 54 -9.12 -11.16 -36.50
CA SER B 54 -8.28 -9.99 -36.80
C SER B 54 -9.13 -8.74 -37.03
N SER B 55 -10.33 -8.94 -37.56
CA SER B 55 -11.27 -7.84 -37.83
C SER B 55 -11.83 -7.24 -36.54
N TYR B 56 -11.82 -8.00 -35.45
CA TYR B 56 -12.21 -7.50 -34.14
C TYR B 56 -11.32 -6.32 -33.75
N PHE B 57 -10.13 -6.25 -34.33
CA PHE B 57 -9.13 -5.24 -33.98
C PHE B 57 -9.03 -4.15 -35.04
N GLU B 58 -8.73 -2.93 -34.59
CA GLU B 58 -8.59 -1.80 -35.50
C GLU B 58 -7.13 -1.65 -35.89
N GLY B 59 -6.70 -2.42 -36.88
CA GLY B 59 -5.30 -2.48 -37.25
C GLY B 59 -4.66 -3.59 -36.45
N PHE B 60 -4.23 -4.63 -37.13
CA PHE B 60 -3.74 -5.85 -36.49
C PHE B 60 -2.63 -6.44 -37.33
N GLU B 61 -1.52 -6.77 -36.67
CA GLU B 61 -0.39 -7.40 -37.34
C GLU B 61 0.37 -8.38 -36.44
N VAL B 62 0.93 -9.40 -37.07
CA VAL B 62 1.80 -10.37 -36.41
C VAL B 62 2.95 -10.74 -37.36
N SER B 63 4.18 -10.59 -36.88
CA SER B 63 5.38 -10.79 -37.69
C SER B 63 5.67 -12.26 -38.04
N GLN B 64 5.06 -13.18 -37.30
CA GLN B 64 5.32 -14.61 -37.48
C GLN B 64 4.08 -15.39 -37.89
N GLU B 65 4.22 -16.70 -38.05
CA GLU B 65 3.08 -17.60 -38.30
C GLU B 65 2.23 -17.78 -37.04
N LYS B 66 2.91 -17.84 -35.88
CA LYS B 66 2.25 -18.06 -34.59
C LYS B 66 3.07 -17.42 -33.48
N GLU B 67 2.40 -16.80 -32.51
CA GLU B 67 3.06 -16.22 -31.34
C GLU B 67 2.30 -16.55 -30.06
N ILE B 68 3.02 -17.09 -29.09
CA ILE B 68 2.46 -17.53 -27.82
C ILE B 68 2.86 -16.57 -26.69
N ILE B 69 1.88 -15.82 -26.17
CA ILE B 69 2.12 -14.87 -25.09
C ILE B 69 1.52 -15.35 -23.78
N GLY B 70 2.38 -15.82 -22.88
CA GLY B 70 1.95 -16.29 -21.56
C GLY B 70 1.79 -15.19 -20.52
N PHE B 71 0.64 -15.19 -19.84
CA PHE B 71 0.33 -14.15 -18.86
C PHE B 71 -0.44 -14.69 -17.65
N LYS B 72 -0.18 -14.09 -16.50
CA LYS B 72 -1.01 -14.33 -15.32
C LYS B 72 -2.23 -13.45 -15.48
N LEU B 73 -3.40 -14.02 -15.24
CA LEU B 73 -4.64 -13.32 -15.53
C LEU B 73 -4.94 -12.13 -14.62
N GLU B 74 -4.75 -12.31 -13.32
CA GLU B 74 -5.01 -11.23 -12.36
C GLU B 74 -4.11 -10.01 -12.61
N ASP B 75 -2.88 -10.25 -13.10
CA ASP B 75 -2.00 -9.14 -13.49
C ASP B 75 -2.56 -8.38 -14.69
N VAL B 76 -2.91 -9.10 -15.75
CA VAL B 76 -3.54 -8.49 -16.93
C VAL B 76 -4.89 -7.85 -16.59
N ASN B 77 -5.67 -8.50 -15.73
CA ASN B 77 -6.99 -7.97 -15.37
C ASN B 77 -6.93 -6.69 -14.56
N ASP B 78 -5.98 -6.63 -13.63
CA ASP B 78 -5.75 -5.41 -12.85
C ASP B 78 -5.34 -4.25 -13.75
N ILE B 79 -4.47 -4.51 -14.73
CA ILE B 79 -4.05 -3.50 -15.67
C ILE B 79 -5.28 -3.05 -16.46
N LEU B 80 -5.99 -4.02 -17.03
CA LEU B 80 -7.21 -3.77 -17.78
C LEU B 80 -8.30 -3.07 -16.98
N LYS B 81 -8.25 -3.22 -15.65
CA LYS B 81 -9.19 -2.53 -14.76
C LYS B 81 -8.93 -1.01 -14.68
N ARG B 82 -7.81 -0.55 -15.25
CA ARG B 82 -7.44 0.86 -15.18
C ARG B 82 -7.83 1.63 -16.45
N VAL B 83 -8.56 0.95 -17.34
CA VAL B 83 -9.08 1.55 -18.57
C VAL B 83 -10.05 2.69 -18.28
N LEU B 84 -9.95 3.75 -19.08
CA LEU B 84 -10.88 4.87 -18.99
C LEU B 84 -11.97 4.78 -20.06
N LYS B 85 -12.98 5.62 -19.95
CA LYS B 85 -14.15 5.58 -20.84
C LYS B 85 -13.79 5.78 -22.31
N ASP B 86 -13.01 6.82 -22.59
CA ASP B 86 -12.67 7.17 -23.97
C ASP B 86 -11.40 6.48 -24.51
N ASP B 87 -10.76 5.68 -23.68
CA ASP B 87 -9.48 5.04 -24.02
C ASP B 87 -9.59 3.93 -25.06
N THR B 88 -8.47 3.67 -25.73
CA THR B 88 -8.36 2.56 -26.68
C THR B 88 -7.13 1.72 -26.35
N LEU B 89 -7.34 0.43 -26.08
CA LEU B 89 -6.26 -0.47 -25.70
C LEU B 89 -5.42 -0.94 -26.88
N ILE B 90 -4.10 -0.96 -26.71
CA ILE B 90 -3.24 -1.55 -27.73
C ILE B 90 -2.26 -2.55 -27.15
N LEU B 91 -2.42 -3.81 -27.57
CA LEU B 91 -1.58 -4.91 -27.11
C LEU B 91 -0.41 -5.09 -28.05
N SER B 92 0.78 -5.11 -27.48
CA SER B 92 1.99 -5.44 -28.22
C SER B 92 2.83 -6.40 -27.39
N SER B 93 3.71 -7.13 -28.08
CA SER B 93 4.59 -8.09 -27.44
C SER B 93 5.88 -8.19 -28.23
N ASN B 94 6.98 -8.39 -27.51
CA ASN B 94 8.27 -8.63 -28.13
C ASN B 94 8.93 -9.90 -27.59
N GLU B 95 10.26 -9.90 -27.50
CA GLU B 95 11.03 -11.08 -27.07
C GLU B 95 10.85 -11.42 -25.57
N SER B 96 10.51 -10.43 -24.75
CA SER B 96 10.53 -10.62 -23.31
C SER B 96 9.31 -10.06 -22.57
N LYS B 97 8.63 -9.09 -23.18
CA LYS B 97 7.58 -8.35 -22.47
C LYS B 97 6.24 -8.30 -23.19
N LEU B 98 5.16 -8.38 -22.41
CA LEU B 98 3.81 -8.09 -22.88
C LEU B 98 3.41 -6.69 -22.43
N THR B 99 3.00 -5.86 -23.38
CA THR B 99 2.68 -4.46 -23.11
C THR B 99 1.22 -4.15 -23.44
N LEU B 100 0.54 -3.52 -22.48
CA LEU B 100 -0.80 -3.01 -22.70
C LEU B 100 -0.80 -1.50 -22.54
N THR B 101 -1.21 -0.80 -23.59
CA THR B 101 -1.18 0.66 -23.65
C THR B 101 -2.57 1.24 -23.80
N PHE B 102 -2.96 2.13 -22.86
CA PHE B 102 -4.18 2.90 -23.00
C PHE B 102 -3.90 4.25 -23.67
N ASP B 103 -4.63 4.55 -24.74
CA ASP B 103 -4.48 5.81 -25.46
C ASP B 103 -5.77 6.63 -25.46
N GLY B 104 -5.75 7.77 -24.76
CA GLY B 104 -6.88 8.68 -24.71
C GLY B 104 -6.43 10.13 -24.59
N GLU B 105 -6.81 10.78 -23.49
CA GLU B 105 -6.39 12.16 -23.21
C GLU B 105 -4.87 12.22 -23.16
N PHE B 106 -4.27 11.16 -22.62
CA PHE B 106 -2.83 10.94 -22.68
C PHE B 106 -2.54 9.45 -22.77
N THR B 107 -1.28 9.10 -23.05
CA THR B 107 -0.86 7.73 -23.25
C THR B 107 -0.25 7.16 -21.98
N ARG B 108 -0.63 5.94 -21.62
CA ARG B 108 -0.05 5.23 -20.48
C ARG B 108 -0.03 3.74 -20.74
N SER B 109 1.16 3.14 -20.68
CA SER B 109 1.32 1.70 -20.91
C SER B 109 1.89 0.93 -19.72
N PHE B 110 1.46 -0.32 -19.59
CA PHE B 110 1.92 -1.23 -18.54
C PHE B 110 2.66 -2.39 -19.20
N GLU B 111 3.81 -2.77 -18.63
CA GLU B 111 4.57 -3.90 -19.13
C GLU B 111 4.57 -5.06 -18.14
N LEU B 112 4.38 -6.27 -18.67
CA LEU B 112 4.51 -7.50 -17.90
C LEU B 112 5.45 -8.46 -18.62
N PRO B 113 6.40 -9.05 -17.87
CA PRO B 113 7.30 -10.03 -18.46
C PRO B 113 6.57 -11.28 -18.96
N LEU B 114 6.96 -11.75 -20.14
CA LEU B 114 6.46 -13.00 -20.71
C LEU B 114 6.56 -14.16 -19.72
N ILE B 115 5.52 -14.99 -19.73
CA ILE B 115 5.48 -16.18 -18.87
C ILE B 115 5.37 -17.44 -19.72
N GLN B 116 6.00 -18.52 -19.26
CA GLN B 116 5.83 -19.83 -19.88
C GLN B 116 4.67 -20.55 -19.22
N VAL B 117 3.70 -20.96 -20.04
CA VAL B 117 2.50 -21.65 -19.55
C VAL B 117 2.08 -22.73 -20.53
N GLU B 118 1.82 -23.94 -19.99
CA GLU B 118 1.46 -25.10 -20.79
C GLU B 118 0.19 -24.87 -21.61
N SER B 119 0.33 -24.96 -22.93
CA SER B 119 -0.81 -24.93 -23.83
C SER B 119 -1.32 -26.36 -23.97
N THR B 120 -1.99 -26.85 -22.93
CA THR B 120 -2.76 -28.08 -23.03
C THR B 120 -4.14 -27.52 -22.67
N SER B 121 -4.79 -26.88 -23.62
CA SER B 121 -5.78 -27.57 -24.46
C SER B 121 -5.27 -28.92 -24.95
N PRO B 122 -6.20 -29.82 -25.26
CA PRO B 122 -7.64 -29.52 -25.12
C PRO B 122 -8.75 -29.55 -24.07
N PRO B 123 -9.08 -30.75 -23.60
CA PRO B 123 -9.36 -31.89 -24.47
C PRO B 123 -10.80 -32.38 -24.31
N SER B 124 -11.68 -31.95 -25.19
CA SER B 124 -13.13 -31.99 -24.95
C SER B 124 -14.02 -32.40 -26.14
N VAL B 125 -14.07 -31.56 -27.18
CA VAL B 125 -15.21 -31.57 -28.12
C VAL B 125 -15.09 -32.38 -29.42
N ASN B 126 -16.08 -33.24 -29.63
CA ASN B 126 -16.39 -33.85 -30.92
C ASN B 126 -17.91 -33.99 -30.96
N LEU B 127 -18.58 -32.94 -30.45
CA LEU B 127 -19.96 -33.02 -29.97
C LEU B 127 -21.03 -32.53 -30.93
N GLU B 128 -22.16 -33.23 -30.90
CA GLU B 128 -23.40 -32.81 -31.53
C GLU B 128 -24.49 -32.85 -30.46
N PHE B 129 -25.09 -31.71 -30.20
CA PHE B 129 -26.06 -31.55 -29.10
C PHE B 129 -27.49 -31.80 -29.57
N PRO B 130 -28.34 -32.40 -28.70
CA PRO B 130 -29.73 -32.61 -29.06
C PRO B 130 -30.59 -31.33 -28.95
N PHE B 131 -30.11 -30.34 -28.20
CA PHE B 131 -30.84 -29.08 -28.03
C PHE B 131 -29.96 -27.85 -28.24
N LYS B 132 -30.47 -26.90 -29.03
CA LYS B 132 -29.79 -25.64 -29.27
C LYS B 132 -30.76 -24.47 -29.11
N ALA B 133 -30.29 -23.39 -28.49
CA ALA B 133 -31.13 -22.20 -28.28
C ALA B 133 -30.37 -20.89 -28.46
N GLN B 134 -30.95 -19.98 -29.23
CA GLN B 134 -30.44 -18.62 -29.38
C GLN B 134 -31.20 -17.63 -28.51
N LEU B 135 -30.45 -16.75 -27.84
CA LEU B 135 -31.03 -15.71 -26.98
C LEU B 135 -30.04 -14.56 -26.81
N LEU B 136 -30.56 -13.39 -26.42
CA LEU B 136 -29.72 -12.22 -26.10
C LEU B 136 -28.96 -12.46 -24.79
N THR B 137 -27.67 -12.17 -24.80
CA THR B 137 -26.81 -12.36 -23.63
C THR B 137 -27.35 -11.64 -22.38
N ILE B 138 -27.96 -10.47 -22.58
CA ILE B 138 -28.53 -9.64 -21.51
C ILE B 138 -29.54 -10.40 -20.64
N THR B 139 -30.51 -11.05 -21.29
CA THR B 139 -31.55 -11.78 -20.58
C THR B 139 -31.01 -13.04 -19.88
N PHE B 140 -30.02 -13.69 -20.51
CA PHE B 140 -29.30 -14.80 -19.88
C PHE B 140 -28.63 -14.33 -18.58
N ALA B 141 -27.98 -13.19 -18.64
CA ALA B 141 -27.30 -12.62 -17.48
C ALA B 141 -28.26 -12.18 -16.36
N ASP B 142 -29.50 -11.86 -16.72
CA ASP B 142 -30.54 -11.56 -15.73
C ASP B 142 -30.97 -12.81 -14.98
N ILE B 143 -31.29 -13.86 -15.74
CA ILE B 143 -31.76 -15.12 -15.20
C ILE B 143 -30.71 -15.77 -14.27
N ILE B 144 -29.46 -15.76 -14.69
CA ILE B 144 -28.39 -16.43 -13.93
C ILE B 144 -27.93 -15.62 -12.72
N ASP B 145 -27.69 -14.32 -12.92
CA ASP B 145 -27.25 -13.44 -11.83
C ASP B 145 -28.30 -13.28 -10.71
N GLU B 146 -29.56 -13.54 -11.04
CA GLU B 146 -30.65 -13.47 -10.07
C GLU B 146 -31.00 -14.85 -9.51
N LEU B 147 -30.47 -15.90 -10.13
CA LEU B 147 -30.64 -17.28 -9.65
C LEU B 147 -29.42 -17.80 -8.88
N SER B 148 -28.30 -17.09 -9.00
CA SER B 148 -27.02 -17.53 -8.43
C SER B 148 -26.99 -17.64 -6.91
N ASP B 149 -27.92 -16.95 -6.23
CA ASP B 149 -28.03 -16.99 -4.76
C ASP B 149 -28.34 -18.40 -4.29
N LEU B 150 -29.44 -18.94 -4.80
CA LEU B 150 -29.97 -20.23 -4.41
C LEU B 150 -29.26 -21.36 -5.15
N GLY B 151 -28.87 -22.39 -4.39
CA GLY B 151 -28.37 -23.64 -4.96
C GLY B 151 -26.94 -23.69 -5.45
N GLU B 152 -26.29 -24.82 -5.19
CA GLU B 152 -24.95 -25.12 -5.73
C GLU B 152 -25.06 -25.70 -7.14
N VAL B 153 -26.27 -26.08 -7.54
CA VAL B 153 -26.48 -26.81 -8.79
C VAL B 153 -27.62 -26.23 -9.64
N LEU B 154 -27.29 -25.88 -10.88
CA LEU B 154 -28.27 -25.39 -11.84
C LEU B 154 -28.75 -26.54 -12.71
N ASN B 155 -29.97 -27.01 -12.47
CA ASN B 155 -30.57 -28.04 -13.32
C ASN B 155 -31.55 -27.49 -14.36
N ILE B 156 -31.09 -27.45 -15.61
CA ILE B 156 -31.89 -26.92 -16.71
C ILE B 156 -32.38 -28.04 -17.63
N HIS B 157 -33.57 -27.86 -18.19
CA HIS B 157 -34.14 -28.83 -19.13
C HIS B 157 -35.07 -28.18 -20.15
N SER B 158 -35.37 -28.91 -21.21
CA SER B 158 -36.31 -28.47 -22.24
C SER B 158 -37.47 -29.45 -22.37
N LYS B 159 -38.60 -28.98 -22.90
CA LYS B 159 -39.78 -29.81 -23.06
C LYS B 159 -40.45 -29.61 -24.43
N GLU B 160 -41.24 -28.55 -24.56
CA GLU B 160 -41.96 -28.24 -25.79
C GLU B 160 -41.36 -27.00 -26.48
N ASN B 161 -40.08 -27.10 -26.84
CA ASN B 161 -39.32 -25.98 -27.42
C ASN B 161 -39.01 -24.91 -26.37
N LYS B 162 -39.63 -25.04 -25.21
CA LYS B 162 -39.43 -24.12 -24.09
C LYS B 162 -38.29 -24.61 -23.19
N LEU B 163 -37.45 -23.68 -22.76
CA LEU B 163 -36.27 -23.99 -21.94
C LEU B 163 -36.47 -23.54 -20.50
N TYR B 164 -36.36 -24.48 -19.56
CA TYR B 164 -36.63 -24.21 -18.16
C TYR B 164 -35.36 -24.25 -17.33
N PHE B 165 -35.17 -23.23 -16.50
CA PHE B 165 -34.00 -23.08 -15.64
C PHE B 165 -34.38 -23.28 -14.18
N GLU B 166 -34.13 -24.48 -13.66
CA GLU B 166 -34.53 -24.83 -12.30
C GLU B 166 -33.32 -24.90 -11.36
N VAL B 167 -33.51 -24.45 -10.12
CA VAL B 167 -32.48 -24.55 -9.09
C VAL B 167 -33.12 -25.02 -7.79
N ILE B 168 -32.57 -26.07 -7.18
CA ILE B 168 -33.11 -26.61 -5.93
C ILE B 168 -32.31 -26.09 -4.72
N GLY B 169 -32.92 -25.14 -4.00
CA GLY B 169 -32.27 -24.49 -2.86
C GLY B 169 -32.65 -25.07 -1.52
N ASP B 170 -32.58 -24.25 -0.47
CA ASP B 170 -32.82 -24.70 0.90
C ASP B 170 -34.28 -25.01 1.19
N LEU B 171 -35.18 -24.11 0.79
CA LEU B 171 -36.59 -24.22 1.15
C LEU B 171 -37.47 -24.75 0.02
N SER B 172 -37.37 -24.11 -1.15
CA SER B 172 -38.20 -24.46 -2.30
C SER B 172 -37.43 -24.23 -3.59
N THR B 173 -37.76 -24.99 -4.62
CA THR B 173 -37.09 -24.89 -5.91
C THR B 173 -37.82 -23.90 -6.82
N ALA B 174 -37.10 -22.91 -7.32
CA ALA B 174 -37.67 -21.91 -8.23
C ALA B 174 -37.16 -22.16 -9.65
N LYS B 175 -38.07 -22.12 -10.61
CA LYS B 175 -37.72 -22.34 -12.02
C LYS B 175 -38.09 -21.16 -12.91
N VAL B 176 -37.28 -20.93 -13.94
CA VAL B 176 -37.49 -19.82 -14.88
C VAL B 176 -37.74 -20.35 -16.29
N GLU B 177 -38.90 -20.01 -16.85
CA GLU B 177 -39.27 -20.42 -18.20
C GLU B 177 -38.75 -19.45 -19.26
N LEU B 178 -37.91 -19.97 -20.15
CA LEU B 178 -37.39 -19.22 -21.29
C LEU B 178 -37.92 -19.81 -22.59
N SER B 179 -38.73 -19.05 -23.33
CA SER B 179 -39.22 -19.49 -24.63
C SER B 179 -39.36 -18.37 -25.65
N THR B 180 -39.65 -18.73 -26.89
CA THR B 180 -39.89 -17.75 -27.96
C THR B 180 -41.31 -17.19 -27.86
N ASP B 181 -42.22 -18.04 -27.37
CA ASP B 181 -43.60 -17.64 -27.07
C ASP B 181 -43.64 -16.79 -25.80
N ASN B 182 -42.50 -16.70 -25.13
CA ASN B 182 -42.33 -15.90 -23.91
C ASN B 182 -41.73 -14.52 -24.21
N GLY B 183 -40.70 -14.50 -25.05
CA GLY B 183 -40.02 -13.26 -25.43
C GLY B 183 -38.54 -13.27 -25.14
N THR B 184 -38.11 -14.25 -24.35
CA THR B 184 -36.73 -14.33 -23.88
C THR B 184 -35.79 -15.07 -24.84
N LEU B 185 -36.33 -16.06 -25.54
CA LEU B 185 -35.58 -16.81 -26.54
C LEU B 185 -35.82 -16.22 -27.94
N LEU B 186 -34.81 -16.33 -28.80
CA LEU B 186 -34.94 -15.89 -30.19
C LEU B 186 -35.28 -17.07 -31.10
N GLU B 187 -34.49 -18.13 -30.98
CA GLU B 187 -34.71 -19.36 -31.73
C GLU B 187 -34.31 -20.54 -30.86
N ALA B 188 -34.98 -21.67 -31.06
CA ALA B 188 -34.70 -22.90 -30.32
C ALA B 188 -35.23 -24.12 -31.06
N SER B 189 -34.46 -25.22 -30.99
CA SER B 189 -34.85 -26.48 -31.63
C SER B 189 -34.31 -27.67 -30.84
N GLY B 190 -34.99 -28.81 -30.98
CA GLY B 190 -34.53 -30.05 -30.37
C GLY B 190 -35.38 -30.54 -29.21
N ALA B 191 -35.01 -31.72 -28.72
CA ALA B 191 -35.75 -32.42 -27.67
C ALA B 191 -34.92 -33.61 -27.20
N ASP B 192 -34.98 -33.96 -25.91
CA ASP B 192 -35.69 -33.24 -24.86
C ASP B 192 -34.91 -33.46 -23.57
N VAL B 193 -33.73 -32.87 -23.51
CA VAL B 193 -32.73 -33.19 -22.49
C VAL B 193 -33.07 -32.63 -21.10
N SER B 194 -32.46 -33.23 -20.09
CA SER B 194 -32.55 -32.76 -18.71
C SER B 194 -31.22 -33.01 -18.01
N SER B 195 -30.48 -31.93 -17.76
CA SER B 195 -29.19 -32.02 -17.07
C SER B 195 -29.03 -30.99 -15.97
N SER B 196 -28.03 -31.21 -15.13
CA SER B 196 -27.69 -30.30 -14.04
C SER B 196 -26.22 -29.88 -14.15
N TYR B 197 -25.90 -28.69 -13.66
CA TYR B 197 -24.55 -28.16 -13.75
C TYR B 197 -24.12 -27.43 -12.49
N GLY B 198 -22.82 -27.35 -12.27
CA GLY B 198 -22.27 -26.59 -11.15
C GLY B 198 -22.60 -25.11 -11.30
N MET B 199 -23.41 -24.59 -10.38
CA MET B 199 -23.95 -23.24 -10.45
C MET B 199 -22.86 -22.17 -10.53
N GLU B 200 -21.80 -22.36 -9.77
CA GLU B 200 -20.68 -21.42 -9.76
C GLU B 200 -20.00 -21.29 -11.12
N TYR B 201 -19.98 -22.39 -11.88
CA TYR B 201 -19.37 -22.42 -13.20
C TYR B 201 -20.16 -21.63 -14.24
N VAL B 202 -21.48 -21.66 -14.13
CA VAL B 202 -22.36 -20.94 -15.06
C VAL B 202 -22.43 -19.45 -14.71
N ALA B 203 -22.64 -19.16 -13.42
CA ALA B 203 -22.76 -17.79 -12.93
C ALA B 203 -21.51 -16.94 -13.22
N ASN B 204 -20.38 -17.61 -13.40
CA ASN B 204 -19.13 -16.94 -13.69
C ASN B 204 -18.92 -16.54 -15.14
N THR B 205 -19.93 -16.78 -15.98
CA THR B 205 -19.85 -16.42 -17.39
C THR B 205 -20.74 -15.22 -17.72
N THR B 206 -21.42 -14.69 -16.70
CA THR B 206 -22.42 -13.64 -16.92
C THR B 206 -21.87 -12.26 -17.28
N LYS B 207 -20.58 -12.03 -17.02
CA LYS B 207 -19.97 -10.73 -17.37
C LYS B 207 -19.71 -10.58 -18.87
N MET B 208 -19.88 -11.67 -19.62
CA MET B 208 -19.79 -11.66 -21.07
C MET B 208 -20.92 -10.84 -21.70
N ARG B 209 -21.91 -10.51 -20.86
CA ARG B 209 -22.98 -9.57 -21.17
C ARG B 209 -22.40 -8.25 -21.69
N ARG B 210 -21.37 -7.76 -21.02
CA ARG B 210 -20.74 -6.48 -21.35
C ARG B 210 -19.83 -6.59 -22.59
N ALA B 211 -19.81 -7.76 -23.22
CA ALA B 211 -18.95 -8.01 -24.38
C ALA B 211 -19.66 -8.68 -25.57
N SER B 212 -20.86 -9.20 -25.32
CA SER B 212 -21.61 -9.95 -26.32
C SER B 212 -23.09 -9.56 -26.31
N ASP B 213 -23.62 -9.24 -27.48
CA ASP B 213 -25.04 -8.88 -27.63
C ASP B 213 -25.97 -10.11 -27.63
N SER B 214 -25.55 -11.16 -28.34
CA SER B 214 -26.34 -12.40 -28.41
C SER B 214 -25.46 -13.62 -28.17
N MET B 215 -26.11 -14.76 -27.92
CA MET B 215 -25.41 -16.00 -27.61
C MET B 215 -26.18 -17.23 -28.07
N GLU B 216 -25.47 -18.35 -28.13
CA GLU B 216 -26.10 -19.66 -28.33
C GLU B 216 -25.90 -20.52 -27.09
N LEU B 217 -26.87 -21.38 -26.82
CA LEU B 217 -26.77 -22.32 -25.71
C LEU B 217 -27.03 -23.74 -26.20
N TYR B 218 -26.07 -24.62 -25.95
CA TYR B 218 -26.16 -26.03 -26.34
C TYR B 218 -26.12 -26.87 -25.08
N PHE B 219 -27.05 -27.82 -24.95
CA PHE B 219 -26.98 -28.81 -23.86
C PHE B 219 -27.65 -30.14 -24.21
N GLY B 220 -27.35 -31.14 -23.38
CA GLY B 220 -27.92 -32.48 -23.54
C GLY B 220 -27.71 -33.31 -22.29
N SER B 221 -28.53 -34.35 -22.14
CA SER B 221 -28.42 -35.27 -21.00
C SER B 221 -27.09 -36.00 -21.04
N GLN B 222 -26.33 -35.90 -19.95
CA GLN B 222 -25.03 -36.58 -19.79
C GLN B 222 -23.86 -35.87 -20.48
N ILE B 223 -24.16 -34.88 -21.32
CA ILE B 223 -23.13 -34.15 -22.08
C ILE B 223 -23.03 -32.65 -21.73
N PRO B 224 -21.82 -32.07 -21.85
CA PRO B 224 -21.46 -30.68 -21.50
C PRO B 224 -22.43 -29.57 -21.91
N LEU B 225 -22.47 -28.51 -21.12
CA LEU B 225 -23.21 -27.30 -21.47
C LEU B 225 -22.29 -26.37 -22.23
N LYS B 226 -22.58 -26.17 -23.51
CA LYS B 226 -21.80 -25.27 -24.35
C LYS B 226 -22.44 -23.91 -24.47
N LEU B 227 -21.73 -22.89 -24.00
CA LEU B 227 -22.16 -21.51 -24.15
C LEU B 227 -21.24 -20.83 -25.15
N ARG B 228 -21.84 -20.27 -26.19
CA ARG B 228 -21.12 -19.59 -27.26
C ARG B 228 -21.59 -18.13 -27.27
N PHE B 229 -20.81 -17.26 -26.63
CA PHE B 229 -21.12 -15.84 -26.60
C PHE B 229 -20.63 -15.18 -27.89
N LYS B 230 -21.55 -14.87 -28.79
CA LYS B 230 -21.22 -14.29 -30.08
C LYS B 230 -20.55 -12.93 -29.88
N LEU B 231 -19.33 -12.79 -30.40
CA LEU B 231 -18.57 -11.54 -30.22
C LEU B 231 -18.62 -10.67 -31.48
N PRO B 232 -18.29 -9.36 -31.34
CA PRO B 232 -18.34 -8.45 -32.48
C PRO B 232 -17.44 -8.89 -33.65
N GLN B 233 -17.88 -8.55 -34.86
CA GLN B 233 -17.17 -8.89 -36.09
C GLN B 233 -16.84 -10.39 -36.22
N GLU B 234 -17.85 -11.21 -35.94
CA GLU B 234 -17.82 -12.66 -36.14
C GLU B 234 -16.95 -13.43 -35.14
N GLY B 235 -16.61 -12.79 -34.03
CA GLY B 235 -15.89 -13.43 -32.95
C GLY B 235 -16.77 -14.35 -32.14
N TYR B 236 -16.18 -15.04 -31.16
CA TYR B 236 -16.94 -15.94 -30.27
C TYR B 236 -16.17 -16.34 -29.01
N GLY B 237 -16.92 -16.47 -27.91
CA GLY B 237 -16.37 -16.92 -26.63
C GLY B 237 -17.03 -18.20 -26.17
N ASP B 238 -16.37 -19.33 -26.44
CA ASP B 238 -16.90 -20.67 -26.13
C ASP B 238 -16.53 -21.14 -24.73
N PHE B 239 -17.54 -21.67 -24.03
CA PHE B 239 -17.39 -22.18 -22.67
C PHE B 239 -18.12 -23.52 -22.55
N TYR B 240 -17.36 -24.61 -22.46
CA TYR B 240 -17.95 -25.92 -22.20
C TYR B 240 -17.89 -26.21 -20.71
N ILE B 241 -19.01 -26.63 -20.14
CA ILE B 241 -19.08 -26.96 -18.72
C ILE B 241 -19.54 -28.41 -18.54
N ALA B 242 -18.73 -29.22 -17.88
CA ALA B 242 -19.04 -30.62 -17.62
C ALA B 242 -20.30 -30.79 -16.76
N PRO B 243 -21.09 -31.85 -17.02
CA PRO B 243 -22.32 -32.11 -16.26
C PRO B 243 -22.08 -32.75 -14.90
N ARG B 244 -22.91 -32.37 -13.93
CA ARG B 244 -22.88 -32.93 -12.59
C ARG B 244 -23.54 -34.31 -12.58
N ALA B 245 -23.04 -35.26 -11.98
N MET C 1 -10.45 38.53 19.79
CA MET C 1 -11.72 38.36 19.02
C MET C 1 -11.55 38.68 17.53
N PHE C 2 -12.29 37.96 16.68
CA PHE C 2 -12.14 38.07 15.23
C PHE C 2 -13.45 37.96 14.45
N LYS C 3 -13.42 38.48 13.22
CA LYS C 3 -14.46 38.21 12.23
C LYS C 3 -13.83 37.92 10.86
N ILE C 4 -14.16 36.75 10.30
CA ILE C 4 -13.67 36.35 8.98
C ILE C 4 -14.84 35.96 8.09
N VAL C 5 -14.84 36.45 6.86
CA VAL C 5 -15.84 36.07 5.87
C VAL C 5 -15.17 35.58 4.58
N TYR C 6 -15.49 34.34 4.20
CA TYR C 6 -15.06 33.77 2.91
C TYR C 6 -16.26 33.71 1.96
N PRO C 7 -16.09 34.20 0.72
CA PRO C 7 -17.19 34.28 -0.25
C PRO C 7 -17.72 32.92 -0.73
N ASN C 8 -16.91 31.87 -0.62
CA ASN C 8 -17.29 30.55 -1.12
C ASN C 8 -17.13 29.44 -0.08
N ALA C 9 -18.24 29.03 0.51
CA ALA C 9 -18.26 27.97 1.53
C ALA C 9 -17.91 26.61 0.94
N LYS C 10 -18.27 26.39 -0.32
CA LYS C 10 -17.93 25.15 -1.04
C LYS C 10 -16.42 24.87 -0.97
N ASP C 11 -15.61 25.90 -1.24
CA ASP C 11 -14.16 25.77 -1.21
C ASP C 11 -13.61 25.72 0.21
N PHE C 12 -14.28 26.41 1.13
CA PHE C 12 -13.90 26.38 2.54
C PHE C 12 -13.92 24.94 3.09
N PHE C 13 -15.03 24.23 2.87
CA PHE C 13 -15.14 22.83 3.28
C PHE C 13 -14.08 21.96 2.64
N SER C 14 -13.81 22.21 1.36
CA SER C 14 -12.78 21.50 0.61
C SER C 14 -11.40 21.59 1.29
N PHE C 15 -11.05 22.79 1.77
CA PHE C 15 -9.80 22.99 2.52
C PHE C 15 -9.75 22.10 3.77
N ILE C 16 -10.81 22.18 4.59
CA ILE C 16 -10.94 21.38 5.80
C ILE C 16 -10.80 19.89 5.49
N ASN C 17 -11.57 19.39 4.52
CA ASN C 17 -11.53 17.99 4.10
C ASN C 17 -10.16 17.60 3.59
N SER C 18 -9.48 18.54 2.95
CA SER C 18 -8.16 18.32 2.36
C SER C 18 -7.09 18.11 3.42
N ILE C 19 -7.10 18.93 4.48
CA ILE C 19 -6.16 18.79 5.59
C ILE C 19 -6.47 17.52 6.41
N THR C 20 -7.75 17.17 6.45
CA THR C 20 -8.23 15.96 7.10
C THR C 20 -7.53 14.71 6.56
N ASN C 21 -7.14 14.74 5.29
CA ASN C 21 -6.38 13.64 4.67
C ASN C 21 -4.99 13.41 5.29
N VAL C 22 -4.67 14.20 6.31
CA VAL C 22 -3.33 14.22 6.90
C VAL C 22 -3.33 14.07 8.41
N THR C 23 -4.29 14.72 9.09
CA THR C 23 -4.25 14.84 10.55
C THR C 23 -5.58 14.62 11.29
N ASP C 24 -6.71 14.87 10.61
CA ASP C 24 -8.06 14.80 11.23
C ASP C 24 -8.22 15.71 12.45
N SER C 25 -7.19 16.49 12.73
CA SER C 25 -7.20 17.45 13.82
C SER C 25 -6.53 18.73 13.31
N ILE C 26 -7.34 19.66 12.81
CA ILE C 26 -6.81 20.86 12.17
C ILE C 26 -6.54 21.98 13.19
N ILE C 27 -5.57 22.82 12.87
CA ILE C 27 -5.22 23.99 13.68
C ILE C 27 -5.03 25.20 12.75
N LEU C 28 -6.03 26.08 12.75
CA LEU C 28 -6.01 27.29 11.94
C LEU C 28 -5.15 28.37 12.59
N ASN C 29 -4.59 29.26 11.76
CA ASN C 29 -3.81 30.38 12.25
C ASN C 29 -4.31 31.69 11.65
N PHE C 30 -4.77 32.59 12.50
CA PHE C 30 -5.22 33.89 12.07
C PHE C 30 -4.10 34.91 12.25
N THR C 31 -3.41 35.21 11.15
CA THR C 31 -2.29 36.14 11.16
C THR C 31 -2.70 37.48 10.54
N GLU C 32 -1.79 38.43 10.57
CA GLU C 32 -2.00 39.76 9.97
C GLU C 32 -2.15 39.62 8.46
N ASP C 33 -1.48 38.61 7.90
CA ASP C 33 -1.44 38.38 6.46
C ASP C 33 -2.64 37.62 5.92
N GLY C 34 -3.27 36.82 6.79
CA GLY C 34 -4.43 36.01 6.42
C GLY C 34 -4.53 34.76 7.25
N ILE C 35 -5.16 33.73 6.69
CA ILE C 35 -5.28 32.45 7.37
C ILE C 35 -4.35 31.41 6.71
N PHE C 36 -3.75 30.56 7.55
CA PHE C 36 -3.01 29.40 7.05
C PHE C 36 -3.16 28.19 7.96
N SER C 37 -2.76 27.02 7.44
CA SER C 37 -2.77 25.79 8.21
C SER C 37 -1.64 24.91 7.69
N ARG C 38 -0.84 24.36 8.61
CA ARG C 38 0.34 23.59 8.23
C ARG C 38 0.57 22.37 9.12
N HIS C 39 0.29 21.19 8.57
CA HIS C 39 0.59 19.94 9.25
C HIS C 39 1.72 19.17 8.55
N LEU C 40 2.68 18.70 9.34
CA LEU C 40 3.79 17.91 8.84
C LEU C 40 3.77 16.52 9.48
N THR C 41 3.53 15.50 8.66
CA THR C 41 3.45 14.10 9.11
C THR C 41 4.67 13.70 9.96
N GLU C 42 4.45 12.79 10.91
CA GLU C 42 5.47 12.39 11.88
C GLU C 42 6.70 11.72 11.24
N ASP C 43 6.56 11.27 10.01
CA ASP C 43 7.69 10.76 9.26
C ASP C 43 8.40 11.87 8.48
N LYS C 44 7.81 13.06 8.49
CA LYS C 44 8.33 14.27 7.83
C LYS C 44 8.43 14.12 6.30
N VAL C 45 7.61 13.23 5.75
CA VAL C 45 7.62 12.92 4.33
C VAL C 45 6.64 13.82 3.58
N LEU C 46 5.50 14.08 4.21
CA LEU C 46 4.40 14.77 3.55
C LEU C 46 3.92 15.97 4.39
N MET C 47 3.61 17.07 3.72
CA MET C 47 3.16 18.29 4.38
C MET C 47 1.99 18.93 3.64
N ALA C 48 0.92 19.22 4.39
CA ALA C 48 -0.25 19.89 3.84
C ALA C 48 -0.29 21.33 4.31
N ILE C 49 -0.51 22.25 3.37
CA ILE C 49 -0.59 23.67 3.68
C ILE C 49 -1.80 24.31 3.01
N MET C 50 -2.63 24.93 3.83
CA MET C 50 -3.70 25.81 3.38
C MET C 50 -3.27 27.26 3.61
N ARG C 51 -3.38 28.10 2.59
CA ARG C 51 -3.18 29.55 2.80
C ARG C 51 -4.18 30.41 2.05
N ILE C 52 -4.91 31.23 2.80
CA ILE C 52 -5.87 32.16 2.24
C ILE C 52 -5.44 33.58 2.60
N PRO C 53 -4.85 34.30 1.64
CA PRO C 53 -4.38 35.69 1.83
C PRO C 53 -5.53 36.66 2.16
N LYS C 54 -5.23 37.67 2.97
CA LYS C 54 -6.24 38.61 3.48
C LYS C 54 -7.12 39.25 2.41
N ASP C 55 -6.53 39.64 1.29
CA ASP C 55 -7.27 40.33 0.21
C ASP C 55 -8.31 39.44 -0.47
N VAL C 56 -8.13 38.13 -0.36
CA VAL C 56 -9.05 37.14 -0.95
C VAL C 56 -10.36 37.03 -0.16
N LEU C 57 -10.33 37.47 1.10
CA LEU C 57 -11.50 37.38 1.99
C LEU C 57 -12.40 38.60 1.90
N SER C 58 -13.72 38.37 1.96
CA SER C 58 -14.70 39.44 2.05
C SER C 58 -14.38 40.38 3.22
N GLU C 59 -14.29 39.82 4.42
CA GLU C 59 -13.97 40.59 5.61
C GLU C 59 -12.92 39.87 6.45
N TYR C 60 -11.97 40.65 6.94
CA TYR C 60 -10.93 40.14 7.83
C TYR C 60 -10.66 41.16 8.93
N SER C 61 -11.24 40.91 10.10
CA SER C 61 -11.09 41.83 11.22
C SER C 61 -10.47 41.16 12.44
N ILE C 62 -9.20 41.44 12.67
CA ILE C 62 -8.55 41.14 13.95
C ILE C 62 -7.70 42.29 14.44
N ASP C 63 -7.18 42.12 15.65
CA ASP C 63 -6.33 43.09 16.30
C ASP C 63 -5.08 42.41 16.83
N SER C 64 -5.19 41.09 17.04
CA SER C 64 -4.10 40.29 17.58
C SER C 64 -4.09 38.93 16.90
N PRO C 65 -2.98 38.57 16.24
CA PRO C 65 -2.85 37.25 15.63
C PRO C 65 -2.86 36.13 16.67
N THR C 66 -3.84 35.25 16.58
CA THR C 66 -3.96 34.12 17.48
C THR C 66 -4.05 32.80 16.71
N SER C 67 -3.95 31.70 17.47
CA SER C 67 -4.08 30.36 16.95
C SER C 67 -5.38 29.75 17.47
N VAL C 68 -6.02 28.92 16.65
CA VAL C 68 -7.21 28.20 17.07
C VAL C 68 -7.08 26.70 16.76
N LYS C 69 -6.92 25.90 17.81
CA LYS C 69 -6.86 24.45 17.69
C LYS C 69 -8.27 23.90 17.77
N LEU C 70 -8.81 23.45 16.64
CA LEU C 70 -10.15 22.88 16.62
C LEU C 70 -10.20 21.60 17.43
N ASP C 71 -11.08 21.57 18.45
CA ASP C 71 -11.19 20.48 19.44
C ASP C 71 -11.07 19.06 18.83
N VAL C 72 -9.84 18.74 18.43
CA VAL C 72 -9.47 17.47 17.79
C VAL C 72 -10.52 17.01 16.76
N SER C 73 -10.78 15.70 16.75
CA SER C 73 -11.61 15.04 15.75
C SER C 73 -13.05 15.54 15.75
N SER C 74 -13.72 15.41 16.89
CA SER C 74 -15.16 15.70 17.01
C SER C 74 -15.56 17.01 16.32
N VAL C 75 -14.89 18.09 16.69
CA VAL C 75 -15.18 19.42 16.17
C VAL C 75 -14.96 19.53 14.66
N LYS C 76 -13.80 19.08 14.19
CA LYS C 76 -13.50 19.07 12.76
C LYS C 76 -14.39 18.09 11.98
N LYS C 77 -15.08 17.21 12.71
CA LYS C 77 -16.06 16.29 12.14
C LYS C 77 -17.47 16.89 12.14
N ILE C 78 -17.69 17.89 12.99
CA ILE C 78 -18.94 18.65 13.01
C ILE C 78 -18.99 19.62 11.82
N LEU C 79 -17.83 20.16 11.46
CA LEU C 79 -17.69 21.05 10.30
C LEU C 79 -18.05 20.35 8.99
N SER C 80 -17.30 19.29 8.67
CA SER C 80 -17.50 18.51 7.46
C SER C 80 -18.87 17.83 7.42
N LYS C 81 -19.61 17.93 8.52
CA LYS C 81 -21.00 17.46 8.58
C LYS C 81 -21.96 18.42 7.87
N ALA C 82 -21.48 19.63 7.58
CA ALA C 82 -22.24 20.62 6.83
C ALA C 82 -21.90 20.59 5.33
N SER C 83 -22.87 21.00 4.51
CA SER C 83 -22.79 20.95 3.04
C SER C 83 -21.57 21.67 2.48
N LYS C 86 -24.11 26.98 -3.29
CA LYS C 86 -23.32 28.21 -3.35
C LYS C 86 -23.68 29.13 -2.20
N ALA C 87 -22.74 29.31 -1.28
CA ALA C 87 -22.97 30.12 -0.08
C ALA C 87 -21.68 30.79 0.42
N THR C 88 -21.84 31.73 1.35
CA THR C 88 -20.70 32.34 2.04
C THR C 88 -20.56 31.74 3.44
N ILE C 89 -19.38 31.91 4.03
CA ILE C 89 -19.12 31.37 5.37
C ILE C 89 -18.39 32.39 6.25
N GLU C 90 -18.83 32.49 7.50
CA GLU C 90 -18.30 33.48 8.44
C GLU C 90 -17.75 32.83 9.70
N LEU C 91 -16.55 33.24 10.11
CA LEU C 91 -15.96 32.81 11.38
C LEU C 91 -15.99 33.95 12.41
N THR C 92 -16.41 33.65 13.63
CA THR C 92 -16.47 34.63 14.72
C THR C 92 -16.03 33.99 16.04
N GLU C 93 -15.49 34.80 16.95
CA GLU C 93 -14.95 34.28 18.22
C GLU C 93 -16.01 34.13 19.32
N THR C 94 -15.96 32.98 19.99
CA THR C 94 -16.75 32.71 21.18
C THR C 94 -15.76 32.63 22.34
N ASP C 95 -16.28 32.77 23.57
CA ASP C 95 -15.45 32.71 24.78
C ASP C 95 -14.68 31.40 24.89
N SER C 96 -15.27 30.30 24.43
CA SER C 96 -14.65 28.98 24.53
C SER C 96 -14.36 28.31 23.18
N GLY C 97 -14.44 29.08 22.10
CA GLY C 97 -14.15 28.56 20.76
C GLY C 97 -14.47 29.52 19.63
N LEU C 98 -15.30 29.08 18.68
CA LEU C 98 -15.76 29.94 17.59
C LEU C 98 -17.15 29.57 17.07
N LYS C 99 -17.79 30.54 16.43
CA LYS C 99 -19.08 30.36 15.79
C LYS C 99 -18.94 30.45 14.27
N ILE C 100 -19.73 29.63 13.56
CA ILE C 100 -19.71 29.59 12.11
C ILE C 100 -21.10 29.90 11.55
N ILE C 101 -21.17 30.83 10.61
CA ILE C 101 -22.42 31.14 9.95
C ILE C 101 -22.31 30.82 8.46
N ILE C 102 -23.22 29.97 7.98
CA ILE C 102 -23.31 29.68 6.56
C ILE C 102 -24.59 30.32 6.01
N ARG C 103 -24.41 31.40 5.23
CA ARG C 103 -25.54 32.13 4.68
C ARG C 103 -25.73 31.80 3.19
N ASP C 104 -26.85 31.15 2.88
CA ASP C 104 -27.18 30.77 1.51
C ASP C 104 -28.45 31.48 1.04
N GLY C 108 -32.44 32.42 0.86
CA GLY C 108 -31.54 33.10 1.79
C GLY C 108 -31.43 32.39 3.12
N ALA C 109 -31.03 31.12 3.08
CA ALA C 109 -30.92 30.28 4.28
C ALA C 109 -29.77 30.68 5.19
N LYS C 110 -29.81 30.21 6.44
CA LYS C 110 -28.80 30.51 7.44
C LYS C 110 -28.68 29.39 8.47
N SER C 111 -27.44 29.01 8.78
CA SER C 111 -27.16 27.99 9.80
C SER C 111 -25.94 28.35 10.62
N THR C 112 -25.93 27.95 11.89
CA THR C 112 -24.81 28.23 12.79
C THR C 112 -24.44 27.00 13.62
N ILE C 113 -23.16 26.63 13.55
CA ILE C 113 -22.62 25.57 14.40
C ILE C 113 -21.52 26.10 15.29
N TYR C 114 -21.72 25.97 16.60
CA TYR C 114 -20.75 26.41 17.59
C TYR C 114 -19.67 25.36 17.79
N ILE C 115 -18.43 25.81 17.88
CA ILE C 115 -17.29 24.93 18.05
C ILE C 115 -16.51 25.34 19.29
N LYS C 116 -16.23 24.37 20.16
CA LYS C 116 -15.30 24.57 21.25
C LYS C 116 -13.89 24.37 20.70
N ALA C 117 -13.02 25.34 20.91
CA ALA C 117 -11.67 25.28 20.38
C ALA C 117 -10.70 26.03 21.26
N GLU C 118 -9.61 25.36 21.63
CA GLU C 118 -8.55 25.97 22.42
C GLU C 118 -7.78 26.98 21.56
N LYS C 119 -7.65 28.20 22.08
CA LYS C 119 -6.90 29.25 21.39
C LYS C 119 -5.48 29.35 21.93
N GLY C 120 -4.57 29.85 21.10
CA GLY C 120 -3.17 29.95 21.48
C GLY C 120 -2.34 30.93 20.67
N GLN C 121 -1.04 30.73 20.73
CA GLN C 121 -0.07 31.61 20.08
C GLN C 121 0.09 31.21 18.62
N VAL C 122 -0.04 32.20 17.74
CA VAL C 122 0.12 32.00 16.29
C VAL C 122 1.48 31.36 15.94
N GLU C 123 1.46 30.42 15.01
CA GLU C 123 2.64 29.62 14.67
C GLU C 123 3.34 30.08 13.39
N GLN C 124 4.47 29.43 13.09
CA GLN C 124 5.27 29.73 11.91
C GLN C 124 4.84 28.88 10.73
N LEU C 125 4.93 29.46 9.53
CA LEU C 125 4.65 28.75 8.29
C LEU C 125 5.97 28.27 7.68
N THR C 126 6.68 27.41 8.41
CA THR C 126 7.97 26.88 7.95
C THR C 126 7.75 25.96 6.77
N GLU C 127 8.33 26.34 5.62
CA GLU C 127 8.08 25.67 4.35
C GLU C 127 9.39 25.44 3.60
N PRO C 128 9.54 24.26 2.94
CA PRO C 128 10.73 24.00 2.13
C PRO C 128 11.17 25.22 1.33
N LYS C 129 12.44 25.59 1.48
CA LYS C 129 13.03 26.71 0.76
C LYS C 129 13.92 26.18 -0.35
N VAL C 130 13.31 25.91 -1.50
CA VAL C 130 14.02 25.32 -2.64
C VAL C 130 13.46 25.82 -4.00
N ASN C 131 14.27 25.71 -5.05
CA ASN C 131 13.84 26.05 -6.41
C ASN C 131 13.54 24.82 -7.27
N LEU C 132 12.32 24.76 -7.77
CA LEU C 132 11.92 23.67 -8.64
C LEU C 132 11.98 24.14 -10.10
N ALA C 133 12.90 23.53 -10.85
CA ALA C 133 13.14 23.89 -12.26
C ALA C 133 12.02 23.44 -13.19
N VAL C 134 11.23 22.47 -12.73
CA VAL C 134 10.17 21.91 -13.55
C VAL C 134 8.81 22.03 -12.89
N ASN C 135 7.84 22.50 -13.64
CA ASN C 135 6.45 22.54 -13.21
C ASN C 135 5.46 22.44 -14.37
N PHE C 136 4.26 21.95 -14.08
CA PHE C 136 3.19 21.79 -15.07
C PHE C 136 1.80 21.83 -14.45
N THR C 137 0.83 22.23 -15.25
CA THR C 137 -0.57 22.33 -14.81
C THR C 137 -1.43 21.28 -15.53
N THR C 138 -2.38 20.69 -14.81
CA THR C 138 -3.37 19.79 -15.40
C THR C 138 -4.59 19.58 -14.49
N ASP C 139 -5.60 18.88 -15.01
CA ASP C 139 -6.79 18.47 -14.26
C ASP C 139 -6.43 17.64 -13.01
N GLU C 140 -7.44 17.40 -12.17
CA GLU C 140 -7.32 16.50 -11.03
C GLU C 140 -7.47 15.04 -11.47
N SER C 141 -8.35 14.82 -12.45
CA SER C 141 -8.61 13.47 -12.97
C SER C 141 -7.35 12.80 -13.51
N VAL C 142 -6.54 13.56 -14.25
CA VAL C 142 -5.24 13.08 -14.76
C VAL C 142 -4.35 12.64 -13.58
N LEU C 143 -4.29 13.47 -12.55
CA LEU C 143 -3.50 13.18 -11.35
C LEU C 143 -3.98 11.95 -10.60
N ASN C 144 -5.29 11.76 -10.50
CA ASN C 144 -5.87 10.58 -9.88
C ASN C 144 -5.58 9.30 -10.65
N VAL C 145 -5.72 9.34 -11.97
CA VAL C 145 -5.42 8.19 -12.82
C VAL C 145 -3.98 7.72 -12.58
N ILE C 146 -3.02 8.61 -12.80
CA ILE C 146 -1.61 8.28 -12.58
C ILE C 146 -1.36 7.72 -11.18
N ALA C 147 -1.94 8.36 -10.17
CA ALA C 147 -1.77 7.95 -8.77
C ALA C 147 -2.23 6.52 -8.53
N ALA C 148 -3.37 6.15 -9.11
CA ALA C 148 -3.87 4.80 -8.99
C ALA C 148 -3.01 3.82 -9.79
N ASP C 149 -2.57 4.25 -10.97
CA ASP C 149 -1.75 3.42 -11.84
C ASP C 149 -0.43 3.04 -11.20
N VAL C 150 0.22 4.01 -10.56
CA VAL C 150 1.55 3.79 -9.97
C VAL C 150 1.52 2.88 -8.73
N THR C 151 0.58 3.13 -7.83
CA THR C 151 0.45 2.32 -6.61
C THR C 151 0.04 0.89 -6.92
N LEU C 152 -0.56 0.68 -8.09
CA LEU C 152 -0.95 -0.65 -8.56
C LEU C 152 0.26 -1.48 -8.98
N VAL C 153 1.29 -0.80 -9.47
CA VAL C 153 2.45 -1.47 -10.05
C VAL C 153 3.62 -1.61 -9.07
N GLY C 154 3.87 -0.56 -8.28
CA GLY C 154 4.95 -0.59 -7.29
C GLY C 154 4.82 0.35 -6.11
N GLU C 155 5.88 0.44 -5.32
CA GLU C 155 5.93 1.30 -4.14
C GLU C 155 6.55 2.66 -4.44
N GLU C 156 7.30 2.74 -5.52
CA GLU C 156 8.07 3.94 -5.84
C GLU C 156 7.71 4.51 -7.20
N MET C 157 7.61 5.83 -7.27
CA MET C 157 7.30 6.57 -8.48
C MET C 157 8.54 7.36 -8.90
N ARG C 158 8.79 7.45 -10.20
CA ARG C 158 9.88 8.27 -10.69
C ARG C 158 9.41 9.24 -11.78
N ILE C 159 9.39 10.52 -11.44
CA ILE C 159 8.99 11.57 -12.38
C ILE C 159 10.24 12.20 -12.99
N SER C 160 10.19 12.49 -14.28
CA SER C 160 11.33 13.08 -14.96
C SER C 160 10.98 13.80 -16.26
N THR C 161 11.90 14.66 -16.68
CA THR C 161 11.77 15.39 -17.93
C THR C 161 12.34 14.54 -19.06
N GLU C 162 11.72 14.65 -20.23
CA GLU C 162 12.15 13.91 -21.41
C GLU C 162 11.83 14.76 -22.64
N GLU C 163 12.86 15.39 -23.21
CA GLU C 163 12.69 16.39 -24.27
C GLU C 163 11.61 17.41 -23.88
N ASP C 164 10.54 17.50 -24.65
CA ASP C 164 9.45 18.42 -24.34
C ASP C 164 8.28 17.70 -23.66
N LYS C 165 8.58 16.58 -23.00
CA LYS C 165 7.58 15.77 -22.31
C LYS C 165 7.95 15.57 -20.85
N ILE C 166 6.94 15.22 -20.04
CA ILE C 166 7.11 14.76 -18.67
C ILE C 166 6.87 13.25 -18.67
N LYS C 167 7.81 12.52 -18.10
CA LYS C 167 7.78 11.06 -18.08
C LYS C 167 7.58 10.56 -16.67
N ILE C 168 6.55 9.76 -16.47
CA ILE C 168 6.26 9.17 -15.16
C ILE C 168 6.46 7.67 -15.26
N GLU C 169 7.22 7.12 -14.32
CA GLU C 169 7.57 5.71 -14.32
C GLU C 169 7.41 5.07 -12.96
N ALA C 170 7.00 3.81 -12.98
CA ALA C 170 6.91 2.98 -11.79
C ALA C 170 7.25 1.57 -12.25
N GLY C 171 7.45 0.65 -11.31
CA GLY C 171 7.76 -0.73 -11.66
C GLY C 171 8.75 -1.40 -10.74
N GLU C 172 8.37 -2.55 -10.21
CA GLU C 172 9.17 -3.25 -9.22
C GLU C 172 10.15 -4.24 -9.85
N GLU C 173 9.63 -5.31 -10.42
CA GLU C 173 10.47 -6.40 -10.95
C GLU C 173 10.08 -6.79 -12.38
N GLY C 174 10.58 -6.02 -13.35
CA GLY C 174 10.35 -6.31 -14.76
C GLY C 174 8.98 -5.89 -15.25
N LYS C 175 8.05 -5.69 -14.32
CA LYS C 175 6.71 -5.22 -14.65
C LYS C 175 6.57 -3.73 -14.35
N ARG C 176 6.54 -2.93 -15.41
CA ARG C 176 6.68 -1.47 -15.30
C ARG C 176 5.41 -0.70 -15.67
N TYR C 177 5.45 0.61 -15.40
CA TYR C 177 4.43 1.55 -15.84
C TYR C 177 5.13 2.80 -16.41
N VAL C 178 4.64 3.27 -17.55
CA VAL C 178 5.17 4.49 -18.17
C VAL C 178 4.04 5.40 -18.63
N ALA C 179 4.14 6.69 -18.27
CA ALA C 179 3.17 7.69 -18.71
C ALA C 179 3.87 8.91 -19.27
N PHE C 180 3.34 9.41 -20.38
CA PHE C 180 3.88 10.60 -21.01
C PHE C 180 2.89 11.75 -20.97
N LEU C 181 3.34 12.90 -20.50
CA LEU C 181 2.53 14.11 -20.42
C LEU C 181 3.21 15.24 -21.18
N MET C 182 2.45 15.91 -22.04
CA MET C 182 3.00 17.01 -22.85
C MET C 182 1.98 18.12 -23.08
N LYS C 183 2.46 19.26 -23.58
CA LYS C 183 1.58 20.37 -23.92
C LYS C 183 0.40 19.90 -24.77
N ASP C 184 -0.81 20.23 -24.32
CA ASP C 184 -2.08 19.89 -24.99
C ASP C 184 -2.49 18.42 -24.86
N LYS C 185 -1.58 17.58 -24.35
CA LYS C 185 -1.84 16.16 -24.18
C LYS C 185 -1.13 15.62 -22.94
N PRO C 186 -1.73 15.78 -21.75
CA PRO C 186 -2.93 16.53 -21.44
C PRO C 186 -2.65 17.88 -20.78
N LEU C 187 -1.37 18.19 -20.61
CA LEU C 187 -0.93 19.37 -19.86
C LEU C 187 -1.45 20.67 -20.44
N LYS C 188 -2.01 21.50 -19.56
CA LYS C 188 -2.49 22.82 -19.92
C LYS C 188 -1.31 23.73 -20.23
N GLU C 189 -0.33 23.76 -19.33
CA GLU C 189 0.92 24.49 -19.57
C GLU C 189 2.10 23.67 -19.04
N LEU C 190 3.28 23.89 -19.61
CA LEU C 190 4.50 23.17 -19.21
C LEU C 190 5.72 24.07 -19.24
N SER C 191 6.54 23.99 -18.20
CA SER C 191 7.78 24.74 -18.09
C SER C 191 8.94 23.90 -17.58
N ILE C 192 9.95 23.72 -18.42
CA ILE C 192 11.15 22.94 -18.08
C ILE C 192 12.39 23.83 -18.11
N ASP C 193 12.83 24.32 -16.95
CA ASP C 193 14.02 25.17 -16.86
C ASP C 193 15.29 24.38 -17.08
N THR C 194 15.31 23.16 -16.56
CA THR C 194 16.46 22.27 -16.66
C THR C 194 15.93 20.84 -16.64
N SER C 195 16.73 19.89 -17.09
CA SER C 195 16.35 18.49 -16.99
C SER C 195 16.35 18.09 -15.51
N ALA C 196 15.30 17.40 -15.09
CA ALA C 196 15.18 17.00 -13.70
C ALA C 196 14.54 15.63 -13.57
N SER C 197 15.08 14.84 -12.65
CA SER C 197 14.59 13.51 -12.35
C SER C 197 14.51 13.35 -10.84
N SER C 198 13.42 12.75 -10.37
CA SER C 198 13.17 12.62 -8.95
C SER C 198 12.25 11.46 -8.66
N SER C 199 12.53 10.75 -7.57
CA SER C 199 11.75 9.59 -7.17
C SER C 199 10.99 9.88 -5.87
N TYR C 200 9.75 9.41 -5.81
CA TYR C 200 8.88 9.62 -4.65
C TYR C 200 8.10 8.35 -4.32
N SER C 201 7.67 8.24 -3.07
CA SER C 201 6.85 7.12 -2.63
C SER C 201 5.48 7.17 -3.32
N ALA C 202 5.15 6.10 -4.05
CA ALA C 202 3.91 6.06 -4.82
C ALA C 202 2.70 6.33 -3.94
N GLU C 203 2.63 5.68 -2.79
CA GLU C 203 1.56 5.90 -1.83
C GLU C 203 1.46 7.37 -1.41
N MET C 204 2.60 7.97 -1.11
CA MET C 204 2.64 9.37 -0.69
C MET C 204 2.12 10.30 -1.78
N PHE C 205 2.42 9.95 -3.03
CA PHE C 205 1.88 10.68 -4.17
C PHE C 205 0.38 10.53 -4.25
N LYS C 206 -0.14 9.35 -3.94
CA LYS C 206 -1.57 9.08 -4.00
C LYS C 206 -2.30 9.86 -2.92
N ASP C 207 -1.74 9.87 -1.71
CA ASP C 207 -2.34 10.59 -0.59
C ASP C 207 -2.43 12.09 -0.87
N ALA C 208 -1.34 12.65 -1.40
CA ALA C 208 -1.28 14.06 -1.77
C ALA C 208 -2.29 14.42 -2.85
N VAL C 209 -2.28 13.65 -3.95
CA VAL C 209 -3.25 13.79 -5.03
C VAL C 209 -4.69 13.63 -4.54
N LYS C 210 -4.94 12.58 -3.74
CA LYS C 210 -6.26 12.29 -3.20
C LYS C 210 -6.80 13.45 -2.38
N GLY C 211 -5.89 14.20 -1.77
CA GLY C 211 -6.27 15.36 -0.98
C GLY C 211 -6.42 16.64 -1.78
N LEU C 212 -6.63 16.54 -3.09
CA LEU C 212 -6.81 17.71 -3.92
C LEU C 212 -8.08 17.69 -4.77
N ARG C 213 -8.94 16.69 -4.54
CA ARG C 213 -10.27 16.68 -5.14
C ARG C 213 -11.18 17.68 -4.43
N GLY C 214 -12.25 18.10 -5.10
CA GLY C 214 -13.18 19.05 -4.50
C GLY C 214 -12.93 20.46 -4.99
N PHE C 215 -12.05 20.58 -5.98
CA PHE C 215 -11.78 21.85 -6.63
C PHE C 215 -11.88 21.64 -8.15
N SER C 216 -12.74 22.42 -8.78
CA SER C 216 -12.87 22.44 -10.24
C SER C 216 -11.65 23.07 -10.91
N ALA C 217 -10.85 23.78 -10.12
CA ALA C 217 -9.65 24.47 -10.59
C ALA C 217 -8.57 23.49 -11.03
N PRO C 218 -7.65 23.93 -11.91
CA PRO C 218 -6.54 23.05 -12.31
C PRO C 218 -5.50 22.90 -11.20
N THR C 219 -4.49 22.07 -11.43
CA THR C 219 -3.49 21.77 -10.40
C THR C 219 -2.06 21.87 -10.92
N MET C 220 -1.26 22.72 -10.28
CA MET C 220 0.16 22.81 -10.63
C MET C 220 0.99 21.78 -9.87
N VAL C 221 1.79 21.01 -10.61
CA VAL C 221 2.77 20.07 -10.04
C VAL C 221 4.16 20.59 -10.39
N SER C 222 5.08 20.53 -9.43
CA SER C 222 6.43 21.06 -9.59
C SER C 222 7.47 20.19 -8.89
N PHE C 223 8.59 19.95 -9.57
CA PHE C 223 9.69 19.15 -9.01
C PHE C 223 11.08 19.60 -9.47
N GLY C 224 12.11 18.92 -8.97
CA GLY C 224 13.50 19.16 -9.37
C GLY C 224 14.33 17.90 -9.25
N GLU C 225 15.63 18.01 -9.51
CA GLU C 225 16.52 16.85 -9.44
C GLU C 225 16.81 16.52 -7.97
N ASN C 226 16.30 15.37 -7.51
CA ASN C 226 16.43 14.93 -6.11
C ASN C 226 15.91 15.94 -5.10
N LEU C 227 14.81 16.60 -5.44
CA LEU C 227 14.20 17.61 -4.58
C LEU C 227 12.76 17.22 -4.24
N PRO C 228 12.14 17.93 -3.27
CA PRO C 228 10.73 17.69 -2.97
C PRO C 228 9.79 18.12 -4.09
N MET C 229 8.64 17.46 -4.17
CA MET C 229 7.58 17.83 -5.12
C MET C 229 6.50 18.66 -4.43
N LYS C 230 6.21 19.82 -5.01
CA LYS C 230 5.15 20.68 -4.53
C LYS C 230 4.00 20.61 -5.52
N ILE C 231 2.82 20.29 -4.99
CA ILE C 231 1.63 20.22 -5.80
C ILE C 231 0.53 21.07 -5.16
N ASP C 232 0.03 22.07 -5.89
CA ASP C 232 -0.99 22.95 -5.34
C ASP C 232 -2.12 23.33 -6.30
N VAL C 233 -3.30 23.60 -5.73
CA VAL C 233 -4.43 24.15 -6.50
C VAL C 233 -4.87 25.47 -5.88
N GLU C 234 -5.03 26.49 -6.71
CA GLU C 234 -5.65 27.72 -6.27
C GLU C 234 -7.15 27.57 -6.50
N ALA C 235 -7.93 27.70 -5.43
CA ALA C 235 -9.38 27.61 -5.50
C ALA C 235 -9.94 28.78 -6.27
N VAL C 236 -11.09 28.58 -6.92
CA VAL C 236 -11.72 29.63 -7.73
C VAL C 236 -11.96 30.94 -6.96
N SER C 237 -12.06 30.85 -5.64
CA SER C 237 -12.30 32.03 -4.81
C SER C 237 -11.03 32.71 -4.31
N GLY C 238 -9.91 32.00 -4.35
CA GLY C 238 -8.62 32.64 -4.07
C GLY C 238 -7.64 31.93 -3.17
N GLY C 239 -8.13 31.03 -2.33
CA GLY C 239 -7.27 30.27 -1.43
C GLY C 239 -6.25 29.39 -2.14
N HIS C 240 -5.43 28.69 -1.36
CA HIS C 240 -4.41 27.80 -1.91
C HIS C 240 -4.25 26.56 -1.05
N MET C 241 -4.46 25.39 -1.65
CA MET C 241 -4.15 24.14 -0.98
C MET C 241 -2.91 23.51 -1.60
N ILE C 242 -1.91 23.25 -0.76
CA ILE C 242 -0.61 22.78 -1.20
C ILE C 242 -0.31 21.43 -0.59
N PHE C 243 0.37 20.58 -1.34
CA PHE C 243 0.99 19.39 -0.77
C PHE C 243 2.46 19.30 -1.20
N TRP C 244 3.35 19.13 -0.23
CA TRP C 244 4.76 18.88 -0.48
C TRP C 244 5.05 17.40 -0.23
N ILE C 245 5.81 16.79 -1.13
CA ILE C 245 6.23 15.39 -0.97
C ILE C 245 7.76 15.29 -1.03
N ALA C 246 8.34 14.65 -0.01
CA ALA C 246 9.79 14.49 0.08
C ALA C 246 10.28 13.33 -0.79
N PRO C 247 11.39 13.54 -1.54
CA PRO C 247 11.92 12.54 -2.46
C PRO C 247 12.59 11.33 -1.80
N ARG C 248 12.86 10.29 -2.60
CA ARG C 248 13.68 9.17 -2.17
C ARG C 248 15.05 9.25 -2.85
N LEU C 249 16.09 8.83 -2.14
CA LEU C 249 17.46 8.97 -2.63
C LEU C 249 18.24 7.65 -2.67
ZN ZN D . 15.96 -6.54 31.42
MG MG E . 20.47 -8.05 42.44
MG MG F . 24.55 -7.92 26.91
ZN ZN G . -42.13 -33.40 -25.96
MG MG H . -22.21 -13.79 -41.47
MG MG I . -2.67 19.91 12.29
ZN ZN J . -1.88 6.09 2.22
ZN ZN K . -2.62 32.83 -5.07
#